data_5S86
#
_entry.id   5S86
#
_cell.length_a   127.295
_cell.length_b   84.825
_cell.length_c   88.071
_cell.angle_alpha   90.000
_cell.angle_beta   131.100
_cell.angle_gamma   90.000
#
_symmetry.space_group_name_H-M   'C 1 2 1'
#
loop_
_entity.id
_entity.type
_entity.pdbx_description
1 polymer 'Activin receptor type-1'
2 non-polymer 4-methyl-3-[4-(1-methylpiperidin-4-yl)phenyl]-5-(3,4,5-trimethoxyphenyl)pyridine
3 non-polymer 1,2-ETHANEDIOL
4 non-polymer 'DIMETHYL SULFOXIDE'
5 non-polymer 1-aminocyclopropane-1-carboxamide
6 non-polymer 'SULFATE ION'
7 water water
#
_entity_poly.entity_id   1
_entity_poly.type   'polypeptide(L)'
_entity_poly.pdbx_seq_one_letter_code
;SMQRTVARDITLLECVGKGRYGEVWRGSWQGENVAVKIFSSRDEKSWFRETELYNTVMLRHENILGFIASDMTSRHSSTQ
LWLITHYHEMGSLYDYLQLTTLDTVSCLRIVLSIASGLAHLHIEIFGTQGKPAIAHRDLKSKNILVKKNGQCCIADLGLA
VMHSQSTNQLDVGNNPRVGTKRYMAPEVLDETIQVDCFDSYKRVDIWAFGLVLWEVARRMVSNGIVEDYKPPFYDVVPND
PSFEDMRKVVCVDQQRPNIPNRWFSDPTLTSLAKLMKECWYQNPSARLTALRIKKTLTKID
;
_entity_poly.pdbx_strand_id   A,B
#
loop_
_chem_comp.id
_chem_comp.type
_chem_comp.name
_chem_comp.formula
DMS non-polymer 'DIMETHYL SULFOXIDE' 'C2 H6 O S'
EDO non-polymer 1,2-ETHANEDIOL 'C2 H6 O2'
LU8 non-polymer 4-methyl-3-[4-(1-methylpiperidin-4-yl)phenyl]-5-(3,4,5-trimethoxyphenyl)pyridine 'C27 H32 N2 O3'
SO4 non-polymer 'SULFATE ION' 'O4 S -2'
XK7 non-polymer 1-aminocyclopropane-1-carboxamide 'C4 H8 N2 O'
#
# COMPACT_ATOMS: atom_id res chain seq x y z
N ARG A 4 -38.84 -8.55 14.25
CA ARG A 4 -38.40 -8.71 12.84
C ARG A 4 -38.09 -10.19 12.55
N THR A 5 -38.26 -10.58 11.30
CA THR A 5 -38.01 -11.96 10.80
C THR A 5 -36.53 -12.04 10.45
N VAL A 6 -35.89 -13.14 10.85
CA VAL A 6 -34.47 -13.42 10.49
C VAL A 6 -34.49 -14.68 9.65
N ALA A 7 -34.48 -14.50 8.32
CA ALA A 7 -34.56 -15.61 7.36
C ALA A 7 -33.19 -16.27 7.32
N ARG A 8 -33.11 -17.50 7.80
CA ARG A 8 -31.84 -18.23 7.97
C ARG A 8 -31.88 -19.47 7.07
N ASP A 9 -33.04 -19.81 6.54
CA ASP A 9 -33.15 -20.98 5.63
C ASP A 9 -32.15 -20.77 4.50
N ILE A 10 -31.33 -21.78 4.22
CA ILE A 10 -30.46 -21.82 3.02
C ILE A 10 -30.81 -23.11 2.29
N THR A 11 -31.26 -23.02 1.04
CA THR A 11 -31.55 -24.20 0.20
C THR A 11 -30.24 -24.73 -0.40
N LEU A 12 -29.88 -25.96 -0.08
CA LEU A 12 -28.68 -26.62 -0.64
C LEU A 12 -29.09 -27.25 -1.97
N LEU A 13 -28.55 -26.75 -3.07
CA LEU A 13 -29.08 -27.09 -4.42
C LEU A 13 -28.22 -28.16 -5.07
N GLU A 14 -26.89 -28.05 -5.01
CA GLU A 14 -26.02 -29.09 -5.61
C GLU A 14 -24.68 -29.10 -4.88
N CYS A 15 -24.16 -30.29 -4.73
CA CYS A 15 -22.82 -30.53 -4.17
C CYS A 15 -21.78 -30.22 -5.26
N VAL A 16 -20.87 -29.29 -4.99
CA VAL A 16 -19.83 -28.87 -5.97
C VAL A 16 -18.46 -29.34 -5.47
N GLY A 17 -18.42 -30.03 -4.34
CA GLY A 17 -17.16 -30.52 -3.79
C GLY A 17 -17.38 -31.48 -2.63
N LYS A 18 -16.61 -32.57 -2.62
CA LYS A 18 -16.64 -33.57 -1.52
C LYS A 18 -15.19 -33.93 -1.28
N GLY A 19 -14.80 -34.14 -0.02
CA GLY A 19 -13.39 -34.38 0.34
C GLY A 19 -13.27 -34.82 1.78
N ARG A 20 -12.03 -34.92 2.28
CA ARG A 20 -11.76 -35.26 3.70
C ARG A 20 -12.30 -34.10 4.56
N TYR A 21 -12.36 -32.88 4.00
CA TYR A 21 -12.83 -31.64 4.71
C TYR A 21 -14.35 -31.66 4.96
N GLY A 22 -15.10 -32.53 4.28
CA GLY A 22 -16.56 -32.47 4.22
C GLY A 22 -17.08 -32.23 2.81
N GLU A 23 -17.97 -31.28 2.64
CA GLU A 23 -18.65 -31.02 1.34
C GLU A 23 -18.78 -29.52 1.12
N VAL A 24 -18.79 -29.08 -0.13
CA VAL A 24 -19.22 -27.69 -0.47
C VAL A 24 -20.44 -27.79 -1.38
N TRP A 25 -21.45 -26.99 -1.07
CA TRP A 25 -22.73 -26.92 -1.79
C TRP A 25 -22.92 -25.54 -2.36
N ARG A 26 -23.45 -25.48 -3.57
CA ARG A 26 -24.12 -24.28 -4.07
C ARG A 26 -25.45 -24.21 -3.33
N GLY A 27 -25.74 -23.07 -2.75
CA GLY A 27 -26.99 -22.87 -2.02
C GLY A 27 -27.60 -21.57 -2.43
N SER A 28 -28.81 -21.37 -1.93
CA SER A 28 -29.61 -20.18 -2.27
C SER A 28 -30.10 -19.59 -0.96
N TRP A 29 -29.80 -18.32 -0.74
CA TRP A 29 -30.43 -17.53 0.34
C TRP A 29 -31.10 -16.33 -0.28
N GLN A 30 -32.43 -16.19 -0.13
CA GLN A 30 -33.17 -14.97 -0.56
C GLN A 30 -32.82 -14.70 -2.04
N GLY A 31 -32.91 -15.75 -2.86
CA GLY A 31 -32.78 -15.67 -4.33
C GLY A 31 -31.34 -15.50 -4.81
N GLU A 32 -30.35 -15.53 -3.89
CA GLU A 32 -28.92 -15.17 -4.15
C GLU A 32 -28.06 -16.41 -3.91
N ASN A 33 -27.14 -16.72 -4.83
CA ASN A 33 -26.26 -17.91 -4.65
C ASN A 33 -25.30 -17.62 -3.49
N VAL A 34 -25.07 -18.65 -2.71
CA VAL A 34 -24.02 -18.71 -1.68
C VAL A 34 -23.33 -20.05 -1.83
N ALA A 35 -22.14 -20.17 -1.26
CA ALA A 35 -21.41 -21.42 -1.16
C ALA A 35 -21.44 -21.85 0.32
N VAL A 36 -21.77 -23.10 0.58
CA VAL A 36 -21.91 -23.62 1.96
C VAL A 36 -20.93 -24.76 2.12
N LYS A 37 -19.94 -24.56 2.97
CA LYS A 37 -18.98 -25.63 3.34
C LYS A 37 -19.48 -26.29 4.62
N ILE A 38 -19.76 -27.56 4.53
CA ILE A 38 -20.23 -28.40 5.66
C ILE A 38 -19.03 -29.20 6.14
N PHE A 39 -18.56 -28.97 7.35
CA PHE A 39 -17.29 -29.55 7.85
C PHE A 39 -17.50 -30.98 8.31
N SER A 40 -16.56 -31.85 7.92
CA SER A 40 -16.37 -33.18 8.53
C SER A 40 -15.95 -33.03 10.00
N SER A 41 -16.12 -34.10 10.79
CA SER A 41 -15.55 -34.13 12.16
C SER A 41 -14.02 -33.98 12.06
N ARG A 42 -13.41 -34.60 11.05
CA ARG A 42 -11.96 -34.56 10.77
C ARG A 42 -11.46 -33.10 10.78
N ASP A 43 -12.27 -32.22 10.21
CA ASP A 43 -11.77 -30.86 9.90
C ASP A 43 -12.46 -29.82 10.79
N GLU A 44 -13.09 -30.20 11.90
CA GLU A 44 -13.80 -29.23 12.79
C GLU A 44 -12.88 -28.07 13.18
N LYS A 45 -11.60 -28.30 13.45
CA LYS A 45 -10.73 -27.21 13.93
C LYS A 45 -10.60 -26.13 12.85
N SER A 46 -10.69 -26.47 11.57
CA SER A 46 -10.60 -25.45 10.49
C SER A 46 -11.78 -24.48 10.63
N TRP A 47 -12.97 -24.98 10.96
CA TRP A 47 -14.15 -24.08 11.15
C TRP A 47 -13.83 -23.14 12.31
N PHE A 48 -13.33 -23.67 13.42
CA PHE A 48 -13.04 -22.82 14.60
C PHE A 48 -11.98 -21.76 14.28
N ARG A 49 -10.91 -22.15 13.58
CA ARG A 49 -9.80 -21.23 13.30
C ARG A 49 -10.29 -20.12 12.39
N GLU A 50 -11.02 -20.45 11.35
CA GLU A 50 -11.48 -19.42 10.39
C GLU A 50 -12.50 -18.51 11.07
N THR A 51 -13.36 -19.09 11.90
CA THR A 51 -14.40 -18.34 12.59
C THR A 51 -13.69 -17.37 13.55
N GLU A 52 -12.69 -17.86 14.29
CA GLU A 52 -11.99 -16.97 15.24
C GLU A 52 -11.33 -15.82 14.47
N LEU A 53 -10.77 -16.10 13.31
CA LEU A 53 -10.09 -15.05 12.50
C LEU A 53 -11.12 -13.99 12.08
N TYR A 54 -12.25 -14.40 11.51
CA TYR A 54 -13.29 -13.45 11.02
C TYR A 54 -13.94 -12.73 12.20
N ASN A 55 -13.96 -13.35 13.38
CA ASN A 55 -14.46 -12.65 14.59
C ASN A 55 -13.46 -11.60 15.02
N THR A 56 -12.19 -11.76 14.70
CA THR A 56 -11.10 -10.80 15.05
C THR A 56 -11.03 -9.68 14.01
N VAL A 57 -11.09 -10.03 12.74
CA VAL A 57 -10.97 -9.04 11.64
C VAL A 57 -11.90 -9.44 10.50
N MET A 58 -12.81 -8.54 10.12
CA MET A 58 -13.75 -8.84 9.04
C MET A 58 -13.10 -8.50 7.70
N LEU A 59 -12.33 -9.45 7.15
CA LEU A 59 -11.57 -9.17 5.92
C LEU A 59 -12.56 -8.85 4.82
N ARG A 60 -12.24 -7.84 4.04
CA ARG A 60 -13.05 -7.47 2.87
C ARG A 60 -12.08 -7.08 1.78
N HIS A 61 -11.92 -7.90 0.78
CA HIS A 61 -10.99 -7.62 -0.34
C HIS A 61 -11.47 -8.36 -1.57
N GLU A 62 -11.35 -7.74 -2.73
CA GLU A 62 -11.82 -8.36 -4.00
C GLU A 62 -11.11 -9.69 -4.30
N ASN A 63 -9.93 -9.93 -3.74
CA ASN A 63 -9.16 -11.15 -4.07
C ASN A 63 -9.08 -12.09 -2.86
N ILE A 64 -10.00 -11.92 -1.91
N ILE A 64 -9.99 -11.94 -1.91
CA ILE A 64 -10.22 -12.85 -0.77
CA ILE A 64 -10.17 -12.89 -0.78
C ILE A 64 -11.66 -13.34 -0.86
C ILE A 64 -11.63 -13.34 -0.79
N LEU A 65 -11.88 -14.65 -0.76
CA LEU A 65 -13.27 -15.17 -0.82
C LEU A 65 -14.13 -14.49 0.26
N GLY A 66 -15.27 -13.98 -0.15
CA GLY A 66 -16.08 -13.10 0.70
C GLY A 66 -16.87 -13.88 1.73
N PHE A 67 -16.62 -13.59 3.00
CA PHE A 67 -17.33 -14.20 4.16
C PHE A 67 -18.78 -13.73 4.19
N ILE A 68 -19.67 -14.65 4.50
CA ILE A 68 -21.09 -14.32 4.78
C ILE A 68 -21.42 -14.74 6.21
N ALA A 69 -21.14 -15.96 6.59
CA ALA A 69 -21.55 -16.42 7.93
C ALA A 69 -20.76 -17.66 8.39
N SER A 70 -20.69 -17.83 9.70
CA SER A 70 -20.30 -19.08 10.38
C SER A 70 -21.49 -19.57 11.21
N ASP A 71 -21.95 -20.80 10.97
CA ASP A 71 -23.15 -21.31 11.63
C ASP A 71 -22.79 -22.59 12.37
N MET A 72 -23.19 -22.69 13.63
CA MET A 72 -23.13 -23.94 14.41
C MET A 72 -24.56 -24.30 14.83
N THR A 73 -25.03 -25.49 14.46
CA THR A 73 -26.41 -25.96 14.78
C THR A 73 -26.28 -27.25 15.61
N SER A 74 -26.96 -27.27 16.75
CA SER A 74 -27.10 -28.48 17.62
C SER A 74 -27.93 -29.53 16.89
N ARG A 75 -27.43 -30.76 16.76
CA ARG A 75 -28.23 -31.96 16.36
C ARG A 75 -28.28 -32.91 17.54
N HIS A 76 -29.17 -33.93 17.49
CA HIS A 76 -29.45 -34.90 18.58
C HIS A 76 -28.13 -35.32 19.25
N SER A 77 -27.18 -35.81 18.46
CA SER A 77 -25.93 -36.45 18.97
C SER A 77 -24.71 -35.88 18.24
N SER A 78 -24.82 -34.71 17.60
CA SER A 78 -23.68 -34.11 16.85
C SER A 78 -23.87 -32.59 16.74
N THR A 79 -22.77 -31.90 16.45
CA THR A 79 -22.79 -30.45 16.11
C THR A 79 -22.56 -30.35 14.61
N GLN A 80 -23.34 -29.53 13.91
CA GLN A 80 -23.18 -29.27 12.46
C GLN A 80 -22.49 -27.92 12.30
N LEU A 81 -21.46 -27.85 11.49
CA LEU A 81 -20.67 -26.59 11.32
C LEU A 81 -20.67 -26.23 9.85
N TRP A 82 -21.17 -25.04 9.54
CA TRP A 82 -21.25 -24.52 8.16
C TRP A 82 -20.44 -23.23 8.07
N LEU A 83 -19.67 -23.05 7.01
CA LEU A 83 -19.11 -21.74 6.62
C LEU A 83 -19.83 -21.33 5.36
N ILE A 84 -20.40 -20.13 5.33
CA ILE A 84 -21.13 -19.62 4.15
C ILE A 84 -20.35 -18.47 3.55
N THR A 85 -20.06 -18.55 2.25
CA THR A 85 -19.30 -17.52 1.54
C THR A 85 -20.02 -17.13 0.25
N HIS A 86 -19.50 -16.13 -0.43
CA HIS A 86 -19.89 -15.89 -1.83
C HIS A 86 -19.64 -17.14 -2.68
N TYR A 87 -20.37 -17.24 -3.79
CA TYR A 87 -20.30 -18.41 -4.71
C TYR A 87 -19.68 -17.92 -6.03
N HIS A 88 -18.72 -18.69 -6.51
CA HIS A 88 -18.02 -18.41 -7.78
C HIS A 88 -18.26 -19.57 -8.74
N GLU A 89 -19.20 -19.36 -9.66
CA GLU A 89 -19.70 -20.47 -10.52
C GLU A 89 -18.59 -21.07 -11.41
N MET A 90 -17.53 -20.35 -11.71
CA MET A 90 -16.43 -20.86 -12.56
C MET A 90 -15.59 -21.87 -11.79
N GLY A 91 -15.70 -21.92 -10.46
CA GLY A 91 -14.98 -22.91 -9.66
C GLY A 91 -13.53 -22.55 -9.43
N SER A 92 -12.72 -23.55 -9.06
CA SER A 92 -11.36 -23.29 -8.61
C SER A 92 -10.41 -23.08 -9.80
N LEU A 93 -9.32 -22.38 -9.55
CA LEU A 93 -8.25 -22.21 -10.55
C LEU A 93 -7.80 -23.59 -11.04
N TYR A 94 -7.61 -24.54 -10.15
CA TYR A 94 -7.23 -25.91 -10.51
C TYR A 94 -8.18 -26.47 -11.58
N ASP A 95 -9.48 -26.39 -11.40
N ASP A 95 -9.49 -26.35 -11.34
CA ASP A 95 -10.40 -27.01 -12.40
CA ASP A 95 -10.57 -26.81 -12.25
C ASP A 95 -10.43 -26.13 -13.67
C ASP A 95 -10.44 -26.11 -13.61
N TYR A 96 -10.31 -24.81 -13.52
CA TYR A 96 -10.38 -23.90 -14.68
C TYR A 96 -9.20 -24.21 -15.63
N LEU A 97 -8.01 -24.40 -15.04
CA LEU A 97 -6.78 -24.60 -15.85
C LEU A 97 -6.81 -25.95 -16.56
N GLN A 98 -7.63 -26.90 -16.16
CA GLN A 98 -7.60 -28.27 -16.76
C GLN A 98 -7.97 -28.20 -18.25
N LEU A 99 -8.96 -27.38 -18.56
CA LEU A 99 -9.57 -27.28 -19.92
C LEU A 99 -9.11 -26.00 -20.61
N THR A 100 -8.98 -24.90 -19.86
CA THR A 100 -8.81 -23.54 -20.42
C THR A 100 -7.33 -23.23 -20.66
N THR A 101 -7.01 -22.66 -21.82
CA THR A 101 -5.71 -21.99 -22.04
C THR A 101 -5.89 -20.48 -21.88
N LEU A 102 -4.78 -19.79 -21.74
CA LEU A 102 -4.74 -18.35 -21.37
C LEU A 102 -3.98 -17.57 -22.43
N ASP A 103 -4.30 -16.30 -22.61
CA ASP A 103 -3.44 -15.34 -23.32
C ASP A 103 -2.70 -14.49 -22.31
N THR A 104 -1.84 -13.61 -22.76
CA THR A 104 -0.98 -12.80 -21.92
C THR A 104 -1.83 -11.99 -20.93
N VAL A 105 -2.86 -11.34 -21.44
CA VAL A 105 -3.70 -10.47 -20.57
C VAL A 105 -4.34 -11.32 -19.47
N SER A 106 -4.95 -12.45 -19.83
N SER A 106 -5.00 -12.43 -19.83
CA SER A 106 -5.73 -13.31 -18.90
CA SER A 106 -5.70 -13.28 -18.83
C SER A 106 -4.82 -14.02 -17.90
C SER A 106 -4.69 -13.82 -17.83
N CYS A 107 -3.58 -14.35 -18.32
CA CYS A 107 -2.54 -14.92 -17.42
C CYS A 107 -2.13 -13.86 -16.41
N LEU A 108 -1.75 -12.66 -16.83
CA LEU A 108 -1.28 -11.63 -15.91
C LEU A 108 -2.42 -11.24 -14.94
N ARG A 109 -3.62 -11.15 -15.43
CA ARG A 109 -4.74 -10.68 -14.58
C ARG A 109 -4.91 -11.70 -13.44
N ILE A 110 -4.88 -13.00 -13.77
CA ILE A 110 -4.99 -14.09 -12.76
C ILE A 110 -3.85 -13.92 -11.76
N VAL A 111 -2.60 -13.88 -12.21
CA VAL A 111 -1.52 -13.95 -11.21
C VAL A 111 -1.41 -12.65 -10.40
N LEU A 112 -1.65 -11.50 -11.03
CA LEU A 112 -1.63 -10.23 -10.26
C LEU A 112 -2.76 -10.23 -9.21
N SER A 113 -3.94 -10.78 -9.54
CA SER A 113 -5.06 -10.79 -8.56
C SER A 113 -4.69 -11.70 -7.38
N ILE A 114 -4.03 -12.83 -7.64
CA ILE A 114 -3.63 -13.71 -6.53
C ILE A 114 -2.58 -12.98 -5.66
N ALA A 115 -1.57 -12.36 -6.28
CA ALA A 115 -0.56 -11.60 -5.53
C ALA A 115 -1.21 -10.48 -4.70
N SER A 116 -2.24 -9.86 -5.24
N SER A 116 -2.24 -9.84 -5.25
CA SER A 116 -2.95 -8.77 -4.53
CA SER A 116 -2.95 -8.76 -4.52
C SER A 116 -3.64 -9.34 -3.28
C SER A 116 -3.64 -9.33 -3.29
N GLY A 117 -4.35 -10.45 -3.42
CA GLY A 117 -5.00 -11.11 -2.29
C GLY A 117 -3.97 -11.49 -1.26
N LEU A 118 -2.85 -12.06 -1.70
CA LEU A 118 -1.85 -12.60 -0.76
C LEU A 118 -1.16 -11.46 -0.03
N ALA A 119 -0.81 -10.37 -0.73
CA ALA A 119 -0.19 -9.23 -0.05
C ALA A 119 -1.19 -8.68 0.97
N HIS A 120 -2.48 -8.64 0.65
CA HIS A 120 -3.47 -8.09 1.58
C HIS A 120 -3.50 -8.95 2.84
N LEU A 121 -3.48 -10.28 2.70
CA LEU A 121 -3.38 -11.17 3.88
C LEU A 121 -2.10 -10.83 4.67
N HIS A 122 -0.96 -10.78 4.02
CA HIS A 122 0.34 -10.68 4.70
C HIS A 122 0.55 -9.37 5.45
N ILE A 123 -0.05 -8.28 4.97
N ILE A 123 -0.01 -8.27 4.96
CA ILE A 123 0.32 -6.93 5.51
CA ILE A 123 0.42 -6.93 5.45
C ILE A 123 -0.45 -6.64 6.79
C ILE A 123 -0.41 -6.52 6.67
N GLU A 124 0.25 -6.05 7.75
CA GLU A 124 -0.44 -5.47 8.92
C GLU A 124 -0.87 -4.04 8.52
N ILE A 125 -2.14 -3.71 8.74
CA ILE A 125 -2.68 -2.34 8.49
C ILE A 125 -3.09 -1.78 9.86
N PHE A 126 -2.61 -0.60 10.25
CA PHE A 126 -2.79 -0.01 11.61
C PHE A 126 -4.03 0.89 11.59
N GLY A 127 -4.64 1.08 12.76
CA GLY A 127 -5.87 1.87 12.99
C GLY A 127 -7.11 1.03 12.79
N GLY A 130 -8.11 -1.34 10.23
CA GLY A 130 -6.87 -2.08 9.97
C GLY A 130 -7.03 -3.58 10.16
N LYS A 131 -5.92 -4.31 10.19
CA LYS A 131 -5.94 -5.80 10.28
C LYS A 131 -4.58 -6.28 10.77
N PRO A 132 -4.53 -7.43 11.48
CA PRO A 132 -3.26 -8.09 11.74
C PRO A 132 -2.73 -8.72 10.45
N ALA A 133 -1.43 -8.95 10.43
CA ALA A 133 -0.79 -9.73 9.35
C ALA A 133 -1.36 -11.15 9.47
N ILE A 134 -1.55 -11.80 8.33
CA ILE A 134 -2.12 -13.17 8.23
C ILE A 134 -1.28 -13.96 7.24
N ALA A 135 -0.86 -15.15 7.64
CA ALA A 135 -0.32 -16.16 6.70
C ALA A 135 -1.35 -17.25 6.45
N HIS A 136 -1.45 -17.74 5.22
CA HIS A 136 -2.54 -18.61 4.75
C HIS A 136 -2.25 -20.05 5.20
N ARG A 137 -1.05 -20.54 4.85
CA ARG A 137 -0.50 -21.86 5.22
C ARG A 137 -1.07 -23.03 4.38
N ASP A 138 -1.95 -22.79 3.42
CA ASP A 138 -2.33 -23.87 2.48
C ASP A 138 -2.64 -23.27 1.11
N LEU A 139 -1.76 -22.39 0.62
CA LEU A 139 -2.02 -21.75 -0.70
C LEU A 139 -1.77 -22.78 -1.80
N LYS A 140 -2.69 -22.92 -2.72
CA LYS A 140 -2.57 -23.87 -3.85
C LYS A 140 -3.71 -23.56 -4.82
N SER A 141 -3.69 -24.16 -6.00
CA SER A 141 -4.65 -23.82 -7.07
C SER A 141 -6.07 -24.29 -6.73
N LYS A 142 -6.25 -25.32 -5.91
CA LYS A 142 -7.61 -25.69 -5.45
C LYS A 142 -8.16 -24.71 -4.41
N ASN A 143 -7.32 -23.87 -3.79
CA ASN A 143 -7.79 -22.88 -2.78
C ASN A 143 -7.83 -21.49 -3.40
N ILE A 144 -7.97 -21.42 -4.70
CA ILE A 144 -8.12 -20.12 -5.43
C ILE A 144 -9.32 -20.29 -6.34
N LEU A 145 -10.27 -19.35 -6.30
CA LEU A 145 -11.48 -19.40 -7.15
CA LEU A 145 -11.50 -19.38 -7.15
C LEU A 145 -11.38 -18.36 -8.27
N VAL A 146 -11.96 -18.68 -9.41
CA VAL A 146 -11.95 -17.78 -10.59
C VAL A 146 -13.28 -17.02 -10.65
N LYS A 147 -13.19 -15.71 -10.80
CA LYS A 147 -14.36 -14.82 -10.92
C LYS A 147 -14.65 -14.51 -12.39
N LYS A 148 -15.89 -14.13 -12.67
CA LYS A 148 -16.29 -13.83 -14.08
C LYS A 148 -15.49 -12.66 -14.64
N ASN A 149 -15.02 -11.74 -13.81
CA ASN A 149 -14.26 -10.58 -14.31
C ASN A 149 -12.79 -10.93 -14.62
N GLY A 150 -12.40 -12.19 -14.45
CA GLY A 150 -11.05 -12.61 -14.83
C GLY A 150 -10.06 -12.57 -13.70
N GLN A 151 -10.42 -11.97 -12.58
CA GLN A 151 -9.58 -11.97 -11.36
C GLN A 151 -9.94 -13.21 -10.55
N CYS A 152 -9.06 -13.58 -9.67
CA CYS A 152 -9.24 -14.71 -8.74
C CYS A 152 -9.43 -14.20 -7.31
N CYS A 153 -9.86 -15.10 -6.43
CA CYS A 153 -9.85 -14.83 -4.97
C CYS A 153 -9.31 -16.05 -4.23
N ILE A 154 -8.59 -15.77 -3.17
CA ILE A 154 -7.97 -16.79 -2.30
C ILE A 154 -9.04 -17.27 -1.33
N ALA A 155 -9.11 -18.58 -1.14
CA ALA A 155 -10.11 -19.24 -0.27
C ALA A 155 -9.42 -20.08 0.79
N ASP A 156 -10.18 -20.43 1.82
CA ASP A 156 -9.87 -21.41 2.88
C ASP A 156 -8.86 -20.83 3.85
N LEU A 157 -9.31 -20.18 4.90
CA LEU A 157 -8.45 -19.66 5.97
C LEU A 157 -8.50 -20.57 7.20
N GLY A 158 -8.82 -21.84 6.97
CA GLY A 158 -8.93 -22.80 8.08
C GLY A 158 -7.61 -23.12 8.73
N LEU A 159 -6.45 -22.86 8.09
N LEU A 159 -6.47 -22.82 8.09
CA LEU A 159 -5.12 -23.09 8.72
CA LEU A 159 -5.11 -23.07 8.65
C LEU A 159 -4.39 -21.75 8.93
C LEU A 159 -4.39 -21.75 8.93
N ALA A 160 -5.07 -20.62 8.68
CA ALA A 160 -4.41 -19.30 8.68
C ALA A 160 -3.99 -18.92 10.09
N VAL A 161 -2.88 -18.22 10.18
CA VAL A 161 -2.32 -17.69 11.45
C VAL A 161 -2.25 -16.16 11.39
N MET A 162 -2.63 -15.51 12.49
CA MET A 162 -2.60 -14.04 12.65
C MET A 162 -1.38 -13.62 13.48
N HIS A 163 -0.80 -12.49 13.17
CA HIS A 163 0.25 -11.78 13.97
C HIS A 163 -0.19 -10.33 14.21
N ARG A 177 -4.41 -30.59 11.23
CA ARG A 177 -4.22 -30.32 9.78
C ARG A 177 -2.88 -29.60 9.57
N VAL A 178 -2.19 -29.92 8.47
CA VAL A 178 -0.85 -29.36 8.07
C VAL A 178 -1.08 -28.78 6.68
N GLY A 179 -0.13 -28.08 6.06
CA GLY A 179 -0.35 -27.68 4.65
C GLY A 179 -0.35 -28.88 3.69
N THR A 180 -0.80 -28.68 2.46
CA THR A 180 -0.75 -29.71 1.40
C THR A 180 0.71 -30.05 1.11
N LYS A 181 1.08 -31.33 1.19
CA LYS A 181 2.51 -31.72 1.15
CA LYS A 181 2.50 -31.73 1.14
C LYS A 181 3.17 -31.30 -0.18
N ARG A 182 2.47 -31.44 -1.31
CA ARG A 182 3.06 -31.12 -2.63
C ARG A 182 3.52 -29.66 -2.65
N TYR A 183 2.87 -28.77 -1.90
CA TYR A 183 3.20 -27.33 -1.93
C TYR A 183 4.09 -26.88 -0.77
N MET A 184 4.52 -27.79 0.12
CA MET A 184 5.33 -27.42 1.28
C MET A 184 6.71 -26.93 0.89
N ALA A 185 7.13 -25.82 1.50
CA ALA A 185 8.47 -25.24 1.32
C ALA A 185 9.53 -26.15 1.93
N PRO A 186 10.79 -26.02 1.46
CA PRO A 186 11.86 -26.85 2.01
C PRO A 186 12.01 -26.79 3.53
N GLU A 187 11.82 -25.62 4.14
CA GLU A 187 12.02 -25.42 5.61
C GLU A 187 10.90 -26.12 6.36
N VAL A 188 9.74 -26.37 5.75
CA VAL A 188 8.67 -27.17 6.36
C VAL A 188 9.04 -28.66 6.28
N LEU A 189 9.49 -29.09 5.11
CA LEU A 189 9.86 -30.51 4.89
C LEU A 189 11.08 -30.92 5.71
N ASP A 190 12.04 -30.04 5.97
CA ASP A 190 13.26 -30.44 6.73
C ASP A 190 13.17 -29.96 8.17
N GLU A 191 12.04 -29.37 8.55
CA GLU A 191 11.69 -29.01 9.96
C GLU A 191 12.67 -27.96 10.49
N THR A 192 13.28 -27.16 9.63
CA THR A 192 14.16 -26.03 10.02
C THR A 192 13.41 -24.70 10.07
N ILE A 193 12.12 -24.72 9.77
CA ILE A 193 11.33 -23.47 9.78
C ILE A 193 11.44 -22.83 11.18
N GLN A 194 11.72 -21.52 11.22
CA GLN A 194 11.77 -20.74 12.50
C GLN A 194 10.34 -20.46 12.97
N VAL A 195 9.76 -21.39 13.75
CA VAL A 195 8.32 -21.43 14.12
C VAL A 195 7.92 -20.26 15.01
N ASP A 196 8.88 -19.58 15.66
CA ASP A 196 8.63 -18.46 16.61
C ASP A 196 8.72 -17.12 15.84
N CYS A 197 8.84 -17.16 14.51
CA CYS A 197 9.06 -15.95 13.67
C CYS A 197 7.91 -15.87 12.67
N PHE A 198 7.03 -14.87 12.78
CA PHE A 198 5.85 -14.85 11.89
C PHE A 198 6.29 -14.76 10.43
N ASP A 199 7.36 -14.03 10.11
CA ASP A 199 7.81 -13.85 8.72
C ASP A 199 8.05 -15.24 8.11
N SER A 200 8.40 -16.23 8.92
CA SER A 200 8.63 -17.61 8.39
C SER A 200 7.38 -18.05 7.63
N TYR A 201 6.20 -17.75 8.13
CA TYR A 201 4.97 -18.32 7.56
C TYR A 201 4.63 -17.55 6.28
N LYS A 202 4.97 -16.26 6.23
N LYS A 202 4.97 -16.26 6.23
CA LYS A 202 4.80 -15.49 4.98
CA LYS A 202 4.81 -15.51 4.98
C LYS A 202 5.70 -16.14 3.92
C LYS A 202 5.69 -16.17 3.92
N ARG A 203 6.92 -16.52 4.28
CA ARG A 203 7.89 -17.05 3.28
C ARG A 203 7.43 -18.43 2.79
N VAL A 204 6.76 -19.21 3.62
CA VAL A 204 6.20 -20.51 3.19
C VAL A 204 5.09 -20.26 2.18
N ASP A 205 4.28 -19.22 2.38
CA ASP A 205 3.21 -18.90 1.40
C ASP A 205 3.86 -18.50 0.07
N ILE A 206 4.95 -17.73 0.10
CA ILE A 206 5.58 -17.24 -1.14
C ILE A 206 6.05 -18.42 -1.99
N TRP A 207 6.65 -19.42 -1.36
CA TRP A 207 7.07 -20.67 -2.05
C TRP A 207 5.87 -21.26 -2.78
N ALA A 208 4.76 -21.43 -2.09
CA ALA A 208 3.53 -22.00 -2.67
C ALA A 208 3.02 -21.12 -3.79
N PHE A 209 3.04 -19.80 -3.62
CA PHE A 209 2.64 -18.86 -4.69
C PHE A 209 3.48 -19.10 -5.95
N GLY A 210 4.79 -19.30 -5.79
CA GLY A 210 5.63 -19.58 -6.95
C GLY A 210 5.16 -20.82 -7.68
N LEU A 211 4.78 -21.86 -6.95
CA LEU A 211 4.29 -23.11 -7.60
C LEU A 211 2.99 -22.79 -8.35
N VAL A 212 2.09 -22.02 -7.76
CA VAL A 212 0.81 -21.67 -8.44
C VAL A 212 1.14 -20.88 -9.70
N LEU A 213 2.09 -19.98 -9.61
N LEU A 213 2.09 -19.94 -9.61
CA LEU A 213 2.46 -19.15 -10.80
CA LEU A 213 2.54 -19.14 -10.80
C LEU A 213 2.97 -20.08 -11.92
C LEU A 213 2.92 -20.12 -11.92
N TRP A 214 3.74 -21.12 -11.59
CA TRP A 214 4.19 -22.13 -12.58
C TRP A 214 3.00 -22.84 -13.19
N GLU A 215 2.03 -23.23 -12.37
CA GLU A 215 0.85 -23.98 -12.87
C GLU A 215 0.09 -23.13 -13.90
N VAL A 216 -0.01 -21.85 -13.63
CA VAL A 216 -0.80 -20.92 -14.48
C VAL A 216 0.01 -20.66 -15.75
N ALA A 217 1.28 -20.35 -15.61
CA ALA A 217 2.14 -19.95 -16.77
C ALA A 217 2.16 -21.07 -17.81
N ARG A 218 2.15 -22.32 -17.40
CA ARG A 218 2.17 -23.47 -18.33
C ARG A 218 0.98 -23.36 -19.30
N ARG A 219 -0.14 -22.83 -18.84
CA ARG A 219 -1.39 -22.79 -19.64
C ARG A 219 -1.48 -21.52 -20.48
N MET A 220 -0.51 -20.63 -20.42
CA MET A 220 -0.46 -19.42 -21.29
C MET A 220 0.13 -19.78 -22.66
N VAL A 221 -0.61 -19.46 -23.73
CA VAL A 221 -0.18 -19.84 -25.10
C VAL A 221 0.90 -18.85 -25.56
N SER A 222 1.97 -19.35 -26.20
CA SER A 222 2.93 -18.49 -26.92
C SER A 222 3.33 -19.26 -28.16
N ASN A 223 3.39 -18.56 -29.29
N ASN A 223 3.31 -18.55 -29.30
CA ASN A 223 3.85 -19.14 -30.58
CA ASN A 223 3.85 -19.08 -30.57
C ASN A 223 3.12 -20.45 -30.85
C ASN A 223 3.15 -20.42 -30.85
N GLY A 224 1.84 -20.51 -30.53
CA GLY A 224 1.00 -21.68 -30.80
C GLY A 224 1.27 -22.87 -29.90
N ILE A 225 2.06 -22.68 -28.85
CA ILE A 225 2.51 -23.74 -27.92
C ILE A 225 1.88 -23.50 -26.54
N VAL A 226 1.46 -24.57 -25.92
CA VAL A 226 0.99 -24.52 -24.50
C VAL A 226 1.37 -25.84 -23.85
N GLU A 227 1.67 -25.86 -22.54
CA GLU A 227 1.78 -27.14 -21.82
C GLU A 227 0.42 -27.59 -21.31
N ASP A 228 0.23 -28.89 -21.22
CA ASP A 228 -0.92 -29.51 -20.54
C ASP A 228 -0.91 -29.09 -19.05
N TYR A 229 -2.08 -29.08 -18.44
CA TYR A 229 -2.14 -28.85 -16.98
C TYR A 229 -1.41 -30.01 -16.30
N LYS A 230 -0.49 -29.69 -15.40
CA LYS A 230 0.05 -30.65 -14.43
C LYS A 230 0.21 -29.95 -13.10
N PRO A 231 0.11 -30.73 -12.01
CA PRO A 231 0.40 -30.19 -10.69
C PRO A 231 1.90 -30.09 -10.48
N PRO A 232 2.36 -29.22 -9.56
CA PRO A 232 3.79 -29.08 -9.28
C PRO A 232 4.44 -30.43 -8.90
N PHE A 233 5.61 -30.72 -9.50
CA PHE A 233 6.42 -31.93 -9.20
C PHE A 233 5.79 -33.20 -9.77
N TYR A 234 4.85 -33.08 -10.71
CA TYR A 234 4.14 -34.24 -11.28
C TYR A 234 5.14 -35.28 -11.81
N ASP A 235 6.28 -34.85 -12.26
CA ASP A 235 7.24 -35.72 -12.98
C ASP A 235 8.24 -36.34 -12.00
N VAL A 236 8.22 -35.99 -10.71
CA VAL A 236 9.28 -36.47 -9.78
C VAL A 236 8.71 -37.08 -8.51
N VAL A 237 7.40 -36.99 -8.25
CA VAL A 237 6.79 -37.60 -7.04
C VAL A 237 5.60 -38.42 -7.50
N PRO A 238 5.16 -39.36 -6.65
CA PRO A 238 3.94 -40.09 -6.92
C PRO A 238 2.68 -39.23 -6.92
N ASN A 239 1.62 -39.83 -7.47
CA ASN A 239 0.31 -39.21 -7.61
C ASN A 239 -0.06 -38.69 -6.25
N ASP A 240 0.18 -39.43 -5.16
CA ASP A 240 -0.24 -38.93 -3.81
C ASP A 240 1.01 -38.92 -2.97
N PRO A 241 1.88 -37.87 -3.05
CA PRO A 241 3.20 -38.00 -2.49
C PRO A 241 3.24 -38.00 -0.96
N SER A 242 4.17 -38.76 -0.41
CA SER A 242 4.44 -38.72 1.03
C SER A 242 5.25 -37.50 1.40
N PHE A 243 5.26 -37.19 2.68
CA PHE A 243 6.14 -36.15 3.25
C PHE A 243 7.59 -36.42 2.84
N GLU A 244 8.04 -37.67 3.02
CA GLU A 244 9.41 -38.07 2.66
C GLU A 244 9.68 -37.92 1.17
N ASP A 245 8.74 -38.30 0.32
CA ASP A 245 8.87 -38.14 -1.14
C ASP A 245 9.20 -36.68 -1.43
N MET A 246 8.43 -35.80 -0.80
CA MET A 246 8.61 -34.37 -1.08
C MET A 246 9.94 -33.86 -0.50
N ARG A 247 10.30 -34.32 0.69
CA ARG A 247 11.57 -33.88 1.33
C ARG A 247 12.77 -34.27 0.43
N LYS A 248 12.75 -35.47 -0.10
CA LYS A 248 13.88 -35.92 -0.94
C LYS A 248 14.01 -35.03 -2.17
N VAL A 249 12.89 -34.72 -2.84
CA VAL A 249 12.94 -33.90 -4.06
C VAL A 249 13.38 -32.47 -3.71
N VAL A 250 12.69 -31.87 -2.77
CA VAL A 250 12.80 -30.40 -2.54
C VAL A 250 14.01 -30.05 -1.70
N CYS A 251 14.34 -30.88 -0.70
CA CYS A 251 15.41 -30.57 0.27
C CYS A 251 16.70 -31.27 -0.12
N VAL A 252 16.65 -32.58 -0.35
CA VAL A 252 17.91 -33.34 -0.55
C VAL A 252 18.44 -33.06 -1.94
N ASP A 253 17.65 -33.31 -2.98
CA ASP A 253 18.12 -33.06 -4.37
C ASP A 253 17.93 -31.60 -4.80
N GLN A 254 17.13 -30.82 -4.07
CA GLN A 254 16.93 -29.37 -4.37
C GLN A 254 16.35 -29.17 -5.78
N GLN A 255 15.45 -30.04 -6.20
CA GLN A 255 14.77 -29.89 -7.50
C GLN A 255 13.78 -28.74 -7.43
N ARG A 256 13.48 -28.20 -8.61
CA ARG A 256 12.47 -27.15 -8.83
C ARG A 256 11.71 -27.52 -10.09
N PRO A 257 10.47 -27.01 -10.23
CA PRO A 257 9.71 -27.25 -11.45
C PRO A 257 10.47 -26.80 -12.69
N ASN A 258 10.36 -27.59 -13.76
N ASN A 258 10.26 -27.58 -13.76
CA ASN A 258 11.15 -27.29 -14.97
CA ASN A 258 10.90 -27.37 -15.08
C ASN A 258 10.44 -26.18 -15.76
C ASN A 258 10.37 -26.08 -15.73
N ILE A 259 11.26 -25.29 -16.32
CA ILE A 259 10.86 -24.15 -17.15
C ILE A 259 11.10 -24.54 -18.60
N PRO A 260 10.06 -24.71 -19.43
CA PRO A 260 10.23 -25.14 -20.82
C PRO A 260 11.00 -24.10 -21.63
N ASN A 261 11.78 -24.58 -22.59
CA ASN A 261 12.47 -23.65 -23.52
C ASN A 261 11.52 -22.63 -24.16
N ARG A 262 10.36 -23.06 -24.56
CA ARG A 262 9.42 -22.18 -25.34
C ARG A 262 9.11 -20.91 -24.55
N TRP A 263 9.19 -20.92 -23.22
CA TRP A 263 8.89 -19.69 -22.44
C TRP A 263 9.88 -18.57 -22.80
N PHE A 264 11.14 -18.90 -23.15
CA PHE A 264 12.21 -17.90 -23.35
C PHE A 264 12.08 -17.18 -24.70
N SER A 265 11.15 -17.61 -25.55
CA SER A 265 10.76 -16.85 -26.78
C SER A 265 9.69 -15.82 -26.47
N ASP A 266 9.06 -15.88 -25.29
CA ASP A 266 7.91 -14.99 -24.97
C ASP A 266 8.30 -14.04 -23.84
N PRO A 267 8.20 -12.70 -23.97
CA PRO A 267 8.69 -11.80 -22.95
C PRO A 267 7.94 -11.93 -21.61
N THR A 268 6.66 -12.22 -21.67
CA THR A 268 5.84 -12.38 -20.45
C THR A 268 6.28 -13.63 -19.68
N LEU A 269 6.39 -14.74 -20.40
CA LEU A 269 6.80 -16.01 -19.72
C LEU A 269 8.26 -15.95 -19.28
N THR A 270 9.14 -15.21 -19.98
CA THR A 270 10.53 -15.00 -19.54
C THR A 270 10.50 -14.27 -18.20
N SER A 271 9.69 -13.21 -18.07
CA SER A 271 9.61 -12.43 -16.81
C SER A 271 8.97 -13.27 -15.69
N LEU A 272 7.96 -14.06 -16.02
CA LEU A 272 7.29 -14.92 -15.00
C LEU A 272 8.25 -16.02 -14.53
N ALA A 273 9.06 -16.60 -15.41
CA ALA A 273 10.07 -17.60 -14.98
C ALA A 273 11.01 -16.96 -13.97
N LYS A 274 11.47 -15.74 -14.19
CA LYS A 274 12.40 -15.07 -13.27
C LYS A 274 11.70 -14.87 -11.92
N LEU A 275 10.42 -14.49 -11.98
CA LEU A 275 9.65 -14.26 -10.76
C LEU A 275 9.50 -15.55 -9.98
N MET A 276 9.15 -16.63 -10.62
CA MET A 276 8.89 -17.88 -9.88
C MET A 276 10.21 -18.37 -9.27
N LYS A 277 11.35 -18.23 -9.95
CA LYS A 277 12.67 -18.59 -9.40
C LYS A 277 12.93 -17.83 -8.10
N GLU A 278 12.48 -16.58 -8.00
N GLU A 278 12.49 -16.56 -8.02
CA GLU A 278 12.76 -15.73 -6.83
CA GLU A 278 12.75 -15.70 -6.85
C GLU A 278 11.77 -16.01 -5.70
C GLU A 278 11.75 -15.97 -5.72
N CYS A 279 10.80 -16.88 -5.94
CA CYS A 279 9.91 -17.41 -4.88
C CYS A 279 10.44 -18.74 -4.36
N TRP A 280 11.45 -19.36 -5.02
CA TRP A 280 11.86 -20.76 -4.74
C TRP A 280 13.27 -20.86 -4.19
N TYR A 281 13.86 -19.77 -3.75
CA TYR A 281 15.16 -19.89 -3.06
C TYR A 281 15.05 -20.86 -1.90
N GLN A 282 16.08 -21.66 -1.69
CA GLN A 282 16.18 -22.55 -0.50
C GLN A 282 16.12 -21.69 0.77
N ASN A 283 16.88 -20.60 0.80
CA ASN A 283 16.95 -19.64 1.90
C ASN A 283 15.67 -18.84 1.95
N PRO A 284 14.78 -19.05 2.94
CA PRO A 284 13.49 -18.37 2.94
C PRO A 284 13.63 -16.84 2.91
N SER A 285 14.68 -16.29 3.54
CA SER A 285 14.83 -14.82 3.66
C SER A 285 15.25 -14.20 2.31
N ALA A 286 15.69 -14.98 1.31
CA ALA A 286 16.04 -14.51 -0.04
C ALA A 286 14.80 -14.34 -0.93
N ARG A 287 13.69 -14.98 -0.58
CA ARG A 287 12.50 -14.97 -1.46
C ARG A 287 11.90 -13.55 -1.48
N LEU A 288 11.30 -13.21 -2.59
CA LEU A 288 10.56 -11.93 -2.76
C LEU A 288 9.41 -11.91 -1.76
N THR A 289 9.01 -10.74 -1.35
CA THR A 289 7.77 -10.50 -0.59
C THR A 289 6.59 -10.37 -1.54
N ALA A 290 5.36 -10.54 -1.02
CA ALA A 290 4.14 -10.41 -1.83
C ALA A 290 4.08 -9.01 -2.46
N LEU A 291 4.45 -8.01 -1.66
CA LEU A 291 4.38 -6.61 -2.18
C LEU A 291 5.38 -6.43 -3.32
N ARG A 292 6.58 -7.00 -3.20
CA ARG A 292 7.55 -6.90 -4.31
C ARG A 292 7.07 -7.68 -5.54
N ILE A 293 6.45 -8.84 -5.36
CA ILE A 293 5.88 -9.60 -6.50
C ILE A 293 4.85 -8.72 -7.21
N LYS A 294 3.95 -8.06 -6.45
CA LYS A 294 2.96 -7.15 -7.07
C LYS A 294 3.66 -6.12 -7.94
N LYS A 295 4.68 -5.47 -7.38
CA LYS A 295 5.33 -4.38 -8.14
C LYS A 295 5.92 -4.96 -9.42
N THR A 296 6.61 -6.10 -9.31
CA THR A 296 7.22 -6.76 -10.49
C THR A 296 6.14 -7.02 -11.54
N LEU A 297 5.00 -7.57 -11.16
CA LEU A 297 3.93 -7.93 -12.10
C LEU A 297 3.33 -6.70 -12.77
N THR A 298 3.19 -5.58 -12.06
CA THR A 298 2.62 -4.36 -12.69
C THR A 298 3.59 -3.82 -13.77
N LYS A 299 4.86 -4.20 -13.79
CA LYS A 299 5.82 -3.72 -14.81
C LYS A 299 6.06 -4.75 -15.92
N ILE A 300 5.34 -5.87 -15.92
CA ILE A 300 5.38 -6.87 -17.04
C ILE A 300 4.30 -6.47 -18.04
N ASP A 301 4.71 -6.34 -19.31
CA ASP A 301 3.86 -6.00 -20.49
C ASP A 301 3.35 -4.56 -20.35
N ALA B 7 3.43 36.47 30.74
CA ALA B 7 2.06 36.61 30.13
C ALA B 7 1.80 35.42 29.21
N ARG B 8 1.32 34.32 29.79
CA ARG B 8 1.14 33.01 29.10
C ARG B 8 -0.29 32.85 28.55
N ASP B 9 -1.25 33.69 28.96
CA ASP B 9 -2.68 33.46 28.66
C ASP B 9 -2.96 33.64 27.16
N ILE B 10 -3.94 32.92 26.64
CA ILE B 10 -4.36 32.98 25.21
C ILE B 10 -5.87 33.13 25.17
N THR B 11 -6.40 33.90 24.21
CA THR B 11 -7.85 33.99 23.94
C THR B 11 -8.13 33.39 22.56
N LEU B 12 -8.97 32.37 22.49
CA LEU B 12 -9.38 31.75 21.20
C LEU B 12 -10.50 32.59 20.61
N LEU B 13 -10.30 33.10 19.40
CA LEU B 13 -11.19 34.13 18.78
C LEU B 13 -12.05 33.53 17.67
N GLU B 14 -11.46 32.77 16.75
CA GLU B 14 -12.28 32.15 15.69
C GLU B 14 -11.61 30.88 15.14
N CYS B 15 -12.43 29.91 14.79
CA CYS B 15 -11.98 28.64 14.20
C CYS B 15 -11.66 28.87 12.72
N VAL B 16 -10.43 28.61 12.30
CA VAL B 16 -10.01 28.78 10.89
C VAL B 16 -9.80 27.41 10.23
N GLY B 17 -10.14 26.32 10.93
CA GLY B 17 -10.08 24.98 10.30
C GLY B 17 -10.51 23.88 11.24
N LYS B 18 -11.24 22.90 10.71
CA LYS B 18 -11.76 21.73 11.43
C LYS B 18 -11.61 20.56 10.48
N GLY B 19 -11.10 19.44 10.99
CA GLY B 19 -10.93 18.22 10.20
C GLY B 19 -10.60 17.05 11.10
N ARG B 20 -10.12 15.97 10.50
CA ARG B 20 -9.79 14.71 11.22
C ARG B 20 -8.61 15.01 12.15
N TYR B 21 -7.82 16.03 11.83
CA TYR B 21 -6.61 16.44 12.62
C TYR B 21 -6.99 17.14 13.93
N GLY B 22 -8.22 17.59 14.08
CA GLY B 22 -8.63 18.46 15.19
C GLY B 22 -9.12 19.79 14.66
N GLU B 23 -8.67 20.87 15.25
CA GLU B 23 -9.14 22.22 14.95
C GLU B 23 -7.98 23.18 15.03
N VAL B 24 -8.00 24.22 14.22
CA VAL B 24 -7.06 25.36 14.40
C VAL B 24 -7.87 26.60 14.64
N TRP B 25 -7.43 27.41 15.60
CA TRP B 25 -8.06 28.66 16.03
C TRP B 25 -7.09 29.81 15.82
N ARG B 26 -7.61 30.92 15.33
CA ARG B 26 -6.92 32.20 15.49
C ARG B 26 -7.15 32.63 16.93
N GLY B 27 -6.10 32.98 17.64
CA GLY B 27 -6.17 33.42 19.03
C GLY B 27 -5.36 34.67 19.23
N SER B 28 -5.47 35.29 20.39
CA SER B 28 -4.60 36.43 20.77
C SER B 28 -3.75 36.03 21.97
N TRP B 29 -2.45 36.38 21.94
CA TRP B 29 -1.44 36.12 22.99
C TRP B 29 -0.38 37.24 22.99
N GLN B 30 -0.08 37.80 24.17
CA GLN B 30 0.79 39.00 24.31
C GLN B 30 0.39 40.04 23.25
N GLY B 31 -0.91 40.27 23.02
CA GLY B 31 -1.43 41.25 22.04
C GLY B 31 -1.10 40.96 20.57
N GLU B 32 -0.71 39.74 20.23
CA GLU B 32 -0.39 39.33 18.83
C GLU B 32 -1.33 38.17 18.43
N ASN B 33 -1.67 38.05 17.15
CA ASN B 33 -2.37 36.85 16.64
C ASN B 33 -1.43 35.65 16.81
N VAL B 34 -2.02 34.53 17.21
CA VAL B 34 -1.33 33.22 17.23
C VAL B 34 -2.31 32.23 16.62
N ALA B 35 -1.78 31.11 16.11
CA ALA B 35 -2.59 29.96 15.68
C ALA B 35 -2.50 28.92 16.79
N VAL B 36 -3.64 28.38 17.18
CA VAL B 36 -3.71 27.36 18.24
C VAL B 36 -4.33 26.13 17.63
N LYS B 37 -3.53 25.06 17.50
CA LYS B 37 -4.05 23.77 17.03
C LYS B 37 -4.40 22.90 18.25
N ILE B 38 -5.60 22.38 18.25
CA ILE B 38 -6.09 21.44 19.28
C ILE B 38 -6.23 20.11 18.56
N PHE B 39 -5.43 19.13 18.90
CA PHE B 39 -5.34 17.86 18.16
C PHE B 39 -6.50 16.95 18.50
N SER B 40 -6.91 16.17 17.52
CA SER B 40 -7.86 15.04 17.71
C SER B 40 -7.17 13.97 18.54
N SER B 41 -7.94 13.22 19.34
CA SER B 41 -7.42 12.03 20.07
C SER B 41 -6.69 11.10 19.09
N ARG B 42 -7.28 10.92 17.91
CA ARG B 42 -6.76 10.06 16.82
C ARG B 42 -5.31 10.41 16.46
N ASP B 43 -4.91 11.66 16.69
N ASP B 43 -4.91 11.68 16.60
CA ASP B 43 -3.63 12.18 16.18
CA ASP B 43 -3.61 12.20 16.13
C ASP B 43 -2.67 12.49 17.32
C ASP B 43 -2.67 12.50 17.31
N GLU B 44 -2.84 11.86 18.47
CA GLU B 44 -1.99 12.17 19.64
C GLU B 44 -0.51 11.88 19.35
N LYS B 45 -0.17 10.88 18.53
CA LYS B 45 1.24 10.58 18.24
C LYS B 45 1.84 11.70 17.37
N SER B 46 1.04 12.33 16.53
CA SER B 46 1.51 13.48 15.72
C SER B 46 1.86 14.66 16.63
N TRP B 47 1.02 14.92 17.61
CA TRP B 47 1.30 16.01 18.57
C TRP B 47 2.67 15.79 19.20
N PHE B 48 2.94 14.58 19.66
CA PHE B 48 4.21 14.33 20.38
C PHE B 48 5.40 14.45 19.40
N ARG B 49 5.26 13.90 18.18
CA ARG B 49 6.33 13.97 17.16
C ARG B 49 6.64 15.43 16.81
N GLU B 50 5.61 16.23 16.63
CA GLU B 50 5.78 17.65 16.26
C GLU B 50 6.47 18.37 17.42
N THR B 51 6.13 18.01 18.66
CA THR B 51 6.77 18.61 19.85
C THR B 51 8.26 18.24 19.88
N GLU B 52 8.61 16.99 19.63
CA GLU B 52 10.03 16.53 19.52
C GLU B 52 10.75 17.36 18.45
N LEU B 53 10.10 17.57 17.29
CA LEU B 53 10.73 18.37 16.20
C LEU B 53 10.97 19.82 16.64
N TYR B 54 9.99 20.46 17.25
CA TYR B 54 10.10 21.90 17.63
C TYR B 54 11.06 22.10 18.81
N ASN B 55 11.45 21.04 19.51
CA ASN B 55 12.50 21.13 20.55
C ASN B 55 13.83 21.57 19.95
N THR B 56 14.04 21.37 18.64
CA THR B 56 15.29 21.78 17.93
C THR B 56 15.33 23.32 17.79
N VAL B 57 16.16 24.05 18.55
CA VAL B 57 16.23 25.53 18.43
C VAL B 57 16.64 25.91 17.00
N MET B 58 17.58 25.18 16.38
CA MET B 58 18.09 25.54 15.01
C MET B 58 17.10 25.13 13.90
N LEU B 59 15.93 24.58 14.26
CA LEU B 59 14.86 24.37 13.26
C LEU B 59 14.37 25.71 12.71
N ARG B 60 14.37 26.78 13.52
CA ARG B 60 13.76 28.08 13.21
C ARG B 60 14.30 28.58 11.88
N HIS B 61 13.37 29.00 11.02
CA HIS B 61 13.72 29.43 9.64
C HIS B 61 12.55 30.25 9.11
N GLU B 62 12.82 31.21 8.23
CA GLU B 62 11.77 32.09 7.68
C GLU B 62 10.76 31.24 6.91
N ASN B 63 11.16 30.07 6.39
CA ASN B 63 10.23 29.27 5.55
C ASN B 63 9.78 27.98 6.29
N ILE B 64 9.83 27.96 7.62
CA ILE B 64 9.23 26.91 8.48
C ILE B 64 8.29 27.60 9.47
N LEU B 65 7.08 27.11 9.64
CA LEU B 65 6.11 27.67 10.61
C LEU B 65 6.79 27.75 11.98
N GLY B 66 6.81 28.94 12.56
CA GLY B 66 7.48 29.23 13.83
C GLY B 66 6.63 28.83 15.03
N PHE B 67 7.25 28.08 15.89
CA PHE B 67 6.74 27.54 17.14
C PHE B 67 6.69 28.60 18.26
N ILE B 68 5.65 28.62 19.08
CA ILE B 68 5.58 29.42 20.33
C ILE B 68 5.55 28.46 21.54
N ALA B 69 4.65 27.49 21.54
CA ALA B 69 4.55 26.56 22.71
C ALA B 69 3.84 25.28 22.29
N SER B 70 4.02 24.23 23.09
CA SER B 70 3.30 22.96 22.97
C SER B 70 2.87 22.55 24.38
N ASP B 71 1.65 22.08 24.50
CA ASP B 71 1.11 21.67 25.80
C ASP B 71 0.29 20.42 25.68
N MET B 72 0.46 19.55 26.67
CA MET B 72 -0.46 18.44 26.94
C MET B 72 -1.07 18.69 28.32
N THR B 73 -2.38 18.78 28.42
CA THR B 73 -3.08 19.11 29.68
C THR B 73 -4.06 18.01 29.98
N SER B 74 -4.27 17.72 31.27
CA SER B 74 -5.27 16.70 31.63
C SER B 74 -5.80 16.98 33.03
N ARG B 75 -7.09 16.76 33.19
CA ARG B 75 -7.75 16.51 34.48
C ARG B 75 -8.62 15.27 34.34
N HIS B 76 -8.59 14.40 35.32
CA HIS B 76 -9.40 13.16 35.26
C HIS B 76 -9.04 12.37 34.01
N SER B 77 -9.98 11.97 33.17
CA SER B 77 -9.68 10.98 32.11
C SER B 77 -9.49 11.65 30.76
N SER B 78 -9.61 12.94 30.64
CA SER B 78 -9.49 13.51 29.28
C SER B 78 -8.21 14.33 29.17
N THR B 79 -7.67 14.38 27.97
CA THR B 79 -6.41 15.06 27.70
C THR B 79 -6.61 16.00 26.52
N GLN B 80 -6.02 17.15 26.61
CA GLN B 80 -5.99 18.11 25.48
C GLN B 80 -4.55 18.26 25.03
N LEU B 81 -4.40 18.42 23.73
CA LEU B 81 -3.07 18.54 23.09
C LEU B 81 -3.06 19.78 22.24
N TRP B 82 -2.17 20.69 22.57
CA TRP B 82 -2.12 22.05 22.01
C TRP B 82 -0.80 22.28 21.31
N LEU B 83 -0.84 22.92 20.14
CA LEU B 83 0.36 23.50 19.52
C LEU B 83 0.05 24.96 19.20
N ILE B 84 0.90 25.87 19.66
CA ILE B 84 0.69 27.33 19.43
C ILE B 84 1.83 27.79 18.54
N THR B 85 1.48 28.45 17.42
CA THR B 85 2.45 28.93 16.42
C THR B 85 2.15 30.39 16.06
N HIS B 86 3.04 30.95 15.27
CA HIS B 86 2.72 32.22 14.57
C HIS B 86 1.51 32.00 13.65
N TYR B 87 0.81 33.09 13.37
CA TYR B 87 -0.45 33.08 12.60
C TYR B 87 -0.17 33.73 11.23
N HIS B 88 -0.68 33.13 10.17
CA HIS B 88 -0.59 33.66 8.78
C HIS B 88 -1.98 33.87 8.24
N GLU B 89 -2.45 35.14 8.27
CA GLU B 89 -3.86 35.46 7.97
C GLU B 89 -4.22 35.17 6.52
N MET B 90 -3.22 35.09 5.62
CA MET B 90 -3.50 34.75 4.20
C MET B 90 -3.85 33.27 4.05
N GLY B 91 -3.64 32.45 5.10
CA GLY B 91 -4.02 31.03 5.02
C GLY B 91 -3.03 30.18 4.25
N SER B 92 -3.48 29.00 3.86
CA SER B 92 -2.61 28.02 3.19
C SER B 92 -2.44 28.38 1.71
N LEU B 93 -1.41 27.81 1.12
CA LEU B 93 -1.15 27.96 -0.33
C LEU B 93 -2.32 27.35 -1.08
N TYR B 94 -2.86 26.25 -0.61
CA TYR B 94 -4.08 25.65 -1.20
C TYR B 94 -5.21 26.69 -1.28
N ASP B 95 -5.48 27.38 -0.17
CA ASP B 95 -6.52 28.44 -0.07
C ASP B 95 -6.19 29.55 -1.08
N TYR B 96 -4.96 30.02 -1.06
CA TYR B 96 -4.48 31.19 -1.81
C TYR B 96 -4.62 30.98 -3.32
N LEU B 97 -4.26 29.80 -3.78
CA LEU B 97 -4.27 29.48 -5.24
C LEU B 97 -5.69 29.39 -5.78
N GLN B 98 -6.70 29.23 -4.93
N GLN B 98 -6.70 29.20 -4.93
CA GLN B 98 -8.08 28.93 -5.40
CA GLN B 98 -8.09 28.93 -5.38
C GLN B 98 -8.55 30.08 -6.28
C GLN B 98 -8.59 30.07 -6.25
N LEU B 99 -8.33 31.32 -5.84
CA LEU B 99 -8.86 32.51 -6.57
C LEU B 99 -7.75 33.46 -7.04
N THR B 100 -6.51 33.35 -6.58
CA THR B 100 -5.43 34.26 -7.01
C THR B 100 -4.72 33.66 -8.21
N THR B 101 -4.39 34.47 -9.20
CA THR B 101 -3.40 34.10 -10.23
C THR B 101 -2.06 34.76 -9.92
N LEU B 102 -0.99 34.27 -10.52
CA LEU B 102 0.41 34.68 -10.24
C LEU B 102 1.08 35.23 -11.48
N ASP B 103 2.00 36.16 -11.26
CA ASP B 103 2.94 36.56 -12.33
C ASP B 103 4.22 35.75 -12.12
N THR B 104 5.21 35.92 -13.00
CA THR B 104 6.50 35.22 -12.95
C THR B 104 7.17 35.46 -11.60
N VAL B 105 7.28 36.72 -11.18
CA VAL B 105 7.98 37.07 -9.91
C VAL B 105 7.30 36.38 -8.73
N SER B 106 5.98 36.44 -8.64
N SER B 106 5.96 36.43 -8.65
CA SER B 106 5.23 35.89 -7.49
CA SER B 106 5.16 35.93 -7.51
C SER B 106 5.31 34.36 -7.53
C SER B 106 5.07 34.40 -7.52
N CYS B 107 5.17 33.77 -8.70
CA CYS B 107 5.27 32.29 -8.80
C CYS B 107 6.66 31.81 -8.33
N LEU B 108 7.74 32.40 -8.81
CA LEU B 108 9.12 31.97 -8.44
C LEU B 108 9.37 32.24 -6.96
N ARG B 109 8.86 33.35 -6.43
CA ARG B 109 9.04 33.69 -5.00
C ARG B 109 8.40 32.60 -4.15
N ILE B 110 7.21 32.16 -4.51
CA ILE B 110 6.52 31.10 -3.73
C ILE B 110 7.35 29.82 -3.83
N VAL B 111 7.69 29.40 -5.02
CA VAL B 111 8.27 28.02 -5.13
C VAL B 111 9.70 28.02 -4.61
N LEU B 112 10.48 29.09 -4.80
CA LEU B 112 11.85 29.16 -4.22
C LEU B 112 11.74 29.15 -2.70
N SER B 113 10.76 29.84 -2.13
CA SER B 113 10.65 29.88 -0.66
C SER B 113 10.36 28.47 -0.12
N ILE B 114 9.50 27.72 -0.81
CA ILE B 114 9.22 26.33 -0.36
C ILE B 114 10.47 25.48 -0.49
N ALA B 115 11.20 25.60 -1.59
CA ALA B 115 12.46 24.86 -1.79
C ALA B 115 13.46 25.22 -0.70
N SER B 116 13.51 26.49 -0.30
N SER B 116 13.48 26.48 -0.30
CA SER B 116 14.48 26.92 0.74
CA SER B 116 14.44 26.97 0.72
C SER B 116 14.10 26.29 2.08
C SER B 116 14.09 26.33 2.07
N GLY B 117 12.80 26.29 2.42
CA GLY B 117 12.31 25.64 3.64
C GLY B 117 12.62 24.16 3.57
N LEU B 118 12.40 23.54 2.45
CA LEU B 118 12.57 22.05 2.37
C LEU B 118 14.06 21.69 2.44
N ALA B 119 14.94 22.47 1.80
CA ALA B 119 16.40 22.22 1.88
C ALA B 119 16.89 22.46 3.30
N HIS B 120 16.33 23.45 3.98
CA HIS B 120 16.66 23.70 5.39
C HIS B 120 16.28 22.46 6.22
N LEU B 121 15.11 21.87 5.98
CA LEU B 121 14.72 20.65 6.73
C LEU B 121 15.72 19.55 6.41
N HIS B 122 15.93 19.27 5.12
CA HIS B 122 16.66 18.06 4.69
C HIS B 122 18.14 18.08 5.14
N ILE B 123 18.75 19.25 5.24
CA ILE B 123 20.23 19.33 5.43
C ILE B 123 20.54 19.44 6.91
N GLU B 124 21.41 18.56 7.39
CA GLU B 124 21.87 18.54 8.80
C GLU B 124 22.76 19.77 9.06
N ILE B 125 22.59 20.38 10.23
CA ILE B 125 23.48 21.47 10.74
C ILE B 125 24.22 20.89 11.95
N PHE B 126 25.54 21.06 11.99
CA PHE B 126 26.45 20.47 13.01
C PHE B 126 26.82 21.51 14.07
N GLY B 130 22.65 22.60 17.14
CA GLY B 130 22.62 21.92 15.83
C GLY B 130 21.22 21.56 15.37
N LYS B 131 21.08 21.03 14.15
CA LYS B 131 19.78 20.49 13.69
C LYS B 131 20.04 19.21 12.92
N PRO B 132 19.33 18.13 13.27
CA PRO B 132 19.43 16.89 12.51
C PRO B 132 18.87 17.16 11.10
N ALA B 133 19.18 16.28 10.18
CA ALA B 133 18.45 16.24 8.89
C ALA B 133 17.01 15.83 9.22
N ILE B 134 16.04 16.39 8.48
CA ILE B 134 14.60 16.14 8.73
C ILE B 134 13.88 15.90 7.39
N ALA B 135 13.10 14.82 7.31
CA ALA B 135 12.19 14.58 6.18
C ALA B 135 10.77 14.83 6.70
N HIS B 136 9.93 15.52 5.93
CA HIS B 136 8.61 16.02 6.37
C HIS B 136 7.55 14.92 6.30
N ARG B 137 7.43 14.24 5.16
CA ARG B 137 6.55 13.08 4.88
C ARG B 137 5.09 13.45 4.67
N ASP B 138 4.69 14.72 4.76
CA ASP B 138 3.31 15.09 4.38
C ASP B 138 3.30 16.46 3.70
N LEU B 139 4.22 16.69 2.78
CA LEU B 139 4.28 17.99 2.09
C LEU B 139 3.10 18.06 1.15
N LYS B 140 2.38 19.17 1.19
CA LYS B 140 1.25 19.43 0.26
C LYS B 140 0.83 20.89 0.40
N SER B 141 -0.01 21.38 -0.52
CA SER B 141 -0.32 22.84 -0.50
C SER B 141 -1.13 23.23 0.74
N LYS B 142 -1.87 22.33 1.39
CA LYS B 142 -2.59 22.70 2.64
C LYS B 142 -1.60 22.82 3.81
N ASN B 143 -0.39 22.25 3.68
CA ASN B 143 0.63 22.27 4.76
C ASN B 143 1.69 23.33 4.50
N ILE B 144 1.35 24.28 3.62
CA ILE B 144 2.22 25.45 3.32
C ILE B 144 1.38 26.70 3.55
N LEU B 145 1.92 27.65 4.30
CA LEU B 145 1.21 28.90 4.59
C LEU B 145 1.84 30.03 3.79
N VAL B 146 1.00 30.97 3.34
CA VAL B 146 1.44 32.16 2.58
C VAL B 146 1.65 33.32 3.57
N LYS B 147 2.76 33.99 3.41
CA LYS B 147 3.14 35.17 4.23
C LYS B 147 2.93 36.46 3.41
N LYS B 148 2.75 37.56 4.15
CA LYS B 148 2.43 38.83 3.47
C LYS B 148 3.58 39.26 2.58
N ASN B 149 4.80 38.83 2.82
CA ASN B 149 5.96 39.16 1.94
C ASN B 149 6.02 38.31 0.65
N GLY B 150 5.04 37.44 0.44
CA GLY B 150 4.91 36.60 -0.79
C GLY B 150 5.75 35.35 -0.75
N GLN B 151 6.47 35.13 0.32
CA GLN B 151 7.10 33.83 0.61
C GLN B 151 6.14 32.96 1.43
N CYS B 152 6.47 31.69 1.46
CA CYS B 152 5.66 30.68 2.17
C CYS B 152 6.47 30.14 3.35
N CYS B 153 5.78 29.40 4.20
CA CYS B 153 6.45 28.57 5.21
C CYS B 153 5.78 27.20 5.28
N ILE B 154 6.60 26.22 5.52
CA ILE B 154 6.14 24.80 5.63
C ILE B 154 5.66 24.50 7.04
N ALA B 155 4.53 23.83 7.14
CA ALA B 155 3.88 23.52 8.42
C ALA B 155 3.66 22.02 8.54
N ASP B 156 3.38 21.59 9.77
CA ASP B 156 2.90 20.23 10.13
C ASP B 156 4.05 19.25 10.10
N LEU B 157 4.75 19.15 11.24
CA LEU B 157 5.89 18.24 11.42
C LEU B 157 5.48 16.99 12.19
N GLY B 158 4.19 16.64 12.19
CA GLY B 158 3.74 15.46 12.96
C GLY B 158 4.18 14.11 12.42
N LEU B 159 4.61 14.02 11.17
CA LEU B 159 5.07 12.75 10.58
C LEU B 159 6.56 12.83 10.30
N ALA B 160 7.25 13.87 10.75
CA ALA B 160 8.64 14.08 10.33
C ALA B 160 9.56 13.02 10.91
N VAL B 161 10.62 12.72 10.20
CA VAL B 161 11.68 11.79 10.66
C VAL B 161 13.00 12.55 10.70
N MET B 162 13.82 12.20 11.70
CA MET B 162 15.10 12.90 11.91
C MET B 162 16.27 11.93 11.74
N HIS B 163 17.40 12.46 11.28
CA HIS B 163 18.62 11.63 11.05
C HIS B 163 19.84 12.48 11.42
N SER B 164 20.81 11.85 12.08
CA SER B 164 22.12 12.50 12.37
C SER B 164 23.26 11.64 11.80
N GLN B 165 24.08 12.25 10.94
CA GLN B 165 25.17 11.60 10.19
C GLN B 165 26.22 11.13 11.22
N SER B 166 26.36 11.81 12.36
CA SER B 166 27.21 11.38 13.51
C SER B 166 26.39 10.56 14.50
N THR B 167 25.93 9.37 14.08
CA THR B 167 25.07 8.41 14.81
C THR B 167 24.11 7.77 13.78
N ASN B 168 22.78 7.86 13.99
CA ASN B 168 21.76 7.16 13.17
C ASN B 168 20.36 7.79 13.37
N GLN B 169 19.28 7.01 13.18
CA GLN B 169 18.00 7.44 12.52
C GLN B 169 16.77 7.32 13.43
N LEU B 170 15.97 8.39 13.51
CA LEU B 170 14.82 8.55 14.45
C LEU B 170 13.53 8.50 13.64
N ASP B 171 12.97 7.31 13.52
CA ASP B 171 12.17 6.92 12.35
C ASP B 171 10.70 6.86 12.73
N VAL B 172 9.93 6.20 11.86
CA VAL B 172 8.45 6.27 11.75
C VAL B 172 7.83 5.39 12.84
N GLY B 173 6.51 5.51 13.03
CA GLY B 173 5.69 4.39 13.52
C GLY B 173 5.82 3.23 12.55
N ASN B 174 5.35 2.05 12.94
CA ASN B 174 5.37 0.82 12.10
C ASN B 174 4.47 1.04 10.87
N ASN B 175 3.58 2.04 10.90
CA ASN B 175 2.60 2.34 9.82
C ASN B 175 3.24 3.18 8.70
N PRO B 176 3.45 2.62 7.48
CA PRO B 176 4.07 3.38 6.38
C PRO B 176 3.11 4.12 5.41
N ARG B 177 1.81 3.80 5.58
CA ARG B 177 0.65 4.46 4.91
C ARG B 177 0.30 5.76 5.64
N VAL B 178 1.30 6.50 6.03
CA VAL B 178 0.95 7.90 6.36
C VAL B 178 1.59 8.86 5.33
N GLY B 179 0.91 9.95 5.37
CA GLY B 179 0.94 11.00 4.38
C GLY B 179 -0.40 11.03 3.66
N THR B 180 -0.66 12.17 3.09
CA THR B 180 -1.92 12.44 2.38
C THR B 180 -1.92 11.63 1.10
N LYS B 181 -2.98 10.86 0.84
CA LYS B 181 -2.92 9.81 -0.20
C LYS B 181 -2.60 10.43 -1.57
N ARG B 182 -3.22 11.58 -1.85
CA ARG B 182 -3.08 12.23 -3.19
C ARG B 182 -1.61 12.56 -3.48
N TYR B 183 -0.81 12.80 -2.44
CA TYR B 183 0.60 13.26 -2.61
C TYR B 183 1.61 12.11 -2.37
N MET B 184 1.15 10.90 -2.11
CA MET B 184 2.08 9.77 -1.78
C MET B 184 2.88 9.35 -3.01
N ALA B 185 4.20 9.15 -2.82
CA ALA B 185 5.14 8.72 -3.84
C ALA B 185 4.81 7.27 -4.22
N PRO B 186 5.24 6.85 -5.40
CA PRO B 186 4.98 5.49 -5.89
C PRO B 186 5.40 4.45 -4.84
N GLU B 187 6.56 4.64 -4.24
CA GLU B 187 7.16 3.66 -3.28
C GLU B 187 6.35 3.62 -1.98
N VAL B 188 5.60 4.65 -1.64
CA VAL B 188 4.71 4.66 -0.48
C VAL B 188 3.42 3.90 -0.87
N LEU B 189 2.91 4.19 -2.06
CA LEU B 189 1.64 3.59 -2.51
C LEU B 189 1.81 2.09 -2.75
N ASP B 190 2.98 1.66 -3.22
CA ASP B 190 3.20 0.22 -3.50
C ASP B 190 3.88 -0.42 -2.27
N GLU B 191 4.17 0.38 -1.23
CA GLU B 191 4.70 -0.12 0.07
C GLU B 191 6.05 -0.80 -0.15
N THR B 192 6.82 -0.46 -1.18
CA THR B 192 8.20 -0.99 -1.33
C THR B 192 9.24 -0.03 -0.74
N ILE B 193 8.85 1.15 -0.26
CA ILE B 193 9.81 2.11 0.33
C ILE B 193 10.71 1.40 1.35
N GLN B 194 11.99 1.76 1.33
CA GLN B 194 13.05 1.24 2.22
C GLN B 194 12.91 1.98 3.57
N VAL B 195 12.18 1.40 4.53
CA VAL B 195 11.75 2.11 5.77
C VAL B 195 12.93 2.43 6.70
N ASP B 196 14.08 1.78 6.56
CA ASP B 196 15.28 1.95 7.44
C ASP B 196 16.31 2.85 6.78
N CYS B 197 15.93 3.57 5.73
CA CYS B 197 16.83 4.41 4.90
CA CYS B 197 16.86 4.43 4.96
C CYS B 197 16.34 5.86 4.95
N PHE B 198 17.07 6.73 5.64
CA PHE B 198 16.66 8.15 5.78
C PHE B 198 16.44 8.75 4.41
N ASP B 199 17.33 8.52 3.46
CA ASP B 199 17.27 9.11 2.11
C ASP B 199 15.90 8.78 1.48
N SER B 200 15.32 7.64 1.79
CA SER B 200 13.99 7.25 1.26
C SER B 200 12.96 8.34 1.57
N TYR B 201 12.99 8.87 2.77
CA TYR B 201 11.96 9.85 3.22
C TYR B 201 12.26 11.19 2.56
N LYS B 202 13.52 11.58 2.38
CA LYS B 202 13.78 12.84 1.64
C LYS B 202 13.19 12.70 0.23
N ARG B 203 13.34 11.54 -0.42
CA ARG B 203 12.90 11.33 -1.81
C ARG B 203 11.37 11.37 -1.90
N VAL B 204 10.66 10.97 -0.85
CA VAL B 204 9.18 11.08 -0.81
C VAL B 204 8.82 12.58 -0.78
N ASP B 205 9.55 13.39 -0.05
CA ASP B 205 9.29 14.85 0.01
C ASP B 205 9.49 15.46 -1.37
N ILE B 206 10.49 15.00 -2.12
CA ILE B 206 10.79 15.58 -3.44
C ILE B 206 9.65 15.29 -4.40
N TRP B 207 9.12 14.07 -4.38
CA TRP B 207 7.92 13.71 -5.18
C TRP B 207 6.81 14.70 -4.88
N ALA B 208 6.47 14.89 -3.61
CA ALA B 208 5.37 15.76 -3.20
C ALA B 208 5.67 17.20 -3.59
N PHE B 209 6.91 17.65 -3.44
CA PHE B 209 7.25 19.02 -3.87
CA PHE B 209 7.28 19.02 -3.89
C PHE B 209 6.97 19.18 -5.37
N GLY B 210 7.30 18.18 -6.20
CA GLY B 210 6.97 18.29 -7.63
C GLY B 210 5.50 18.53 -7.83
N LEU B 211 4.65 17.82 -7.09
CA LEU B 211 3.19 18.01 -7.24
C LEU B 211 2.83 19.44 -6.82
N VAL B 212 3.42 19.99 -5.78
CA VAL B 212 3.11 21.35 -5.31
C VAL B 212 3.59 22.35 -6.40
N LEU B 213 4.76 22.11 -6.99
N LEU B 213 4.75 22.09 -7.00
CA LEU B 213 5.26 22.98 -8.11
CA LEU B 213 5.28 22.98 -8.08
C LEU B 213 4.21 23.01 -9.21
C LEU B 213 4.29 23.00 -9.25
N TRP B 214 3.69 21.86 -9.61
CA TRP B 214 2.64 21.76 -10.66
C TRP B 214 1.43 22.59 -10.22
N GLU B 215 0.96 22.46 -9.00
CA GLU B 215 -0.25 23.17 -8.53
C GLU B 215 -0.05 24.68 -8.67
N VAL B 216 1.12 25.16 -8.30
CA VAL B 216 1.46 26.59 -8.32
C VAL B 216 1.60 27.07 -9.77
N ALA B 217 2.36 26.35 -10.57
CA ALA B 217 2.65 26.82 -11.95
C ALA B 217 1.38 26.97 -12.77
N ARG B 218 0.38 26.11 -12.58
CA ARG B 218 -0.92 26.18 -13.27
C ARG B 218 -1.52 27.57 -13.08
N ARG B 219 -1.23 28.22 -11.98
CA ARG B 219 -1.87 29.50 -11.61
C ARG B 219 -1.02 30.68 -12.07
N MET B 220 0.11 30.44 -12.72
CA MET B 220 0.94 31.56 -13.24
C MET B 220 0.46 31.91 -14.65
N VAL B 221 0.14 33.17 -14.88
CA VAL B 221 -0.38 33.61 -16.21
C VAL B 221 0.79 33.68 -17.21
N SER B 222 0.56 33.23 -18.42
CA SER B 222 1.51 33.46 -19.55
C SER B 222 0.66 33.68 -20.80
N ASN B 223 1.00 34.72 -21.58
CA ASN B 223 0.33 34.95 -22.88
C ASN B 223 -1.19 35.01 -22.69
N GLY B 224 -1.65 35.56 -21.56
CA GLY B 224 -3.06 35.80 -21.26
C GLY B 224 -3.79 34.50 -20.96
N ILE B 225 -3.06 33.42 -20.66
CA ILE B 225 -3.70 32.09 -20.37
C ILE B 225 -3.28 31.68 -18.95
N VAL B 226 -4.20 31.05 -18.25
CA VAL B 226 -3.90 30.45 -16.93
C VAL B 226 -4.82 29.24 -16.77
N GLU B 227 -4.42 28.24 -16.00
CA GLU B 227 -5.32 27.11 -15.69
C GLU B 227 -6.07 27.38 -14.37
N ASP B 228 -7.25 26.78 -14.26
CA ASP B 228 -8.00 26.80 -13.00
C ASP B 228 -7.19 26.01 -11.98
N TYR B 229 -7.38 26.31 -10.70
CA TYR B 229 -6.79 25.49 -9.62
C TYR B 229 -7.42 24.10 -9.73
N LYS B 230 -6.55 23.10 -9.70
CA LYS B 230 -6.95 21.70 -9.53
C LYS B 230 -5.91 21.00 -8.67
N PRO B 231 -6.34 20.03 -7.84
CA PRO B 231 -5.39 19.26 -7.06
C PRO B 231 -4.74 18.23 -7.96
N PRO B 232 -3.56 17.72 -7.56
CA PRO B 232 -2.88 16.71 -8.37
C PRO B 232 -3.77 15.48 -8.60
N PHE B 233 -3.77 14.98 -9.82
CA PHE B 233 -4.48 13.76 -10.29
C PHE B 233 -5.99 13.93 -10.32
N TYR B 234 -6.50 15.16 -10.29
CA TYR B 234 -7.96 15.49 -10.33
C TYR B 234 -8.62 14.78 -11.53
N ASP B 235 -7.90 14.61 -12.61
CA ASP B 235 -8.45 14.10 -13.90
C ASP B 235 -8.50 12.56 -13.96
N VAL B 236 -7.82 11.85 -13.06
CA VAL B 236 -7.63 10.37 -13.21
C VAL B 236 -8.12 9.62 -11.96
N VAL B 237 -8.43 10.28 -10.86
CA VAL B 237 -8.89 9.54 -9.63
C VAL B 237 -10.22 10.13 -9.21
N PRO B 238 -11.04 9.39 -8.42
CA PRO B 238 -12.24 9.95 -7.83
C PRO B 238 -12.00 11.18 -6.94
N ASN B 239 -13.06 11.93 -6.70
CA ASN B 239 -13.00 13.20 -5.96
C ASN B 239 -12.25 13.02 -4.64
N ASP B 240 -12.55 11.96 -3.88
CA ASP B 240 -11.95 11.71 -2.53
C ASP B 240 -11.20 10.40 -2.66
N PRO B 241 -10.00 10.39 -3.27
CA PRO B 241 -9.35 9.15 -3.67
C PRO B 241 -8.89 8.31 -2.49
N SER B 242 -9.07 7.03 -2.63
CA SER B 242 -8.54 6.02 -1.67
C SER B 242 -7.04 5.81 -1.95
N PHE B 243 -6.37 5.14 -1.00
CA PHE B 243 -5.01 4.62 -1.19
C PHE B 243 -4.91 3.80 -2.46
N GLU B 244 -5.86 2.87 -2.69
CA GLU B 244 -5.80 2.02 -3.88
C GLU B 244 -6.08 2.81 -5.19
N ASP B 245 -6.93 3.84 -5.13
CA ASP B 245 -7.19 4.73 -6.30
C ASP B 245 -5.86 5.35 -6.74
N MET B 246 -5.14 5.85 -5.74
CA MET B 246 -3.84 6.50 -6.03
C MET B 246 -2.82 5.49 -6.50
N ARG B 247 -2.74 4.30 -5.85
CA ARG B 247 -1.81 3.27 -6.34
C ARG B 247 -2.06 2.91 -7.82
N LYS B 248 -3.35 2.78 -8.17
CA LYS B 248 -3.76 2.44 -9.55
C LYS B 248 -3.13 3.46 -10.51
N VAL B 249 -3.35 4.74 -10.26
CA VAL B 249 -2.93 5.75 -11.29
C VAL B 249 -1.40 5.92 -11.25
N VAL B 250 -0.80 5.97 -10.05
CA VAL B 250 0.65 6.32 -9.92
C VAL B 250 1.56 5.14 -10.20
N CYS B 251 1.18 3.96 -9.70
CA CYS B 251 2.02 2.75 -9.77
C CYS B 251 1.61 1.87 -10.97
N VAL B 252 0.32 1.60 -11.16
CA VAL B 252 -0.15 0.66 -12.23
C VAL B 252 -0.10 1.41 -13.57
N ASP B 253 -0.77 2.57 -13.65
CA ASP B 253 -0.99 3.36 -14.89
C ASP B 253 0.22 4.27 -15.17
N GLN B 254 1.21 4.39 -14.27
CA GLN B 254 2.42 5.25 -14.37
C GLN B 254 2.01 6.68 -14.75
N GLN B 255 0.93 7.20 -14.18
CA GLN B 255 0.41 8.55 -14.54
C GLN B 255 1.24 9.61 -13.80
N ARG B 256 1.46 10.73 -14.48
CA ARG B 256 2.03 11.95 -13.83
C ARG B 256 1.17 13.10 -14.28
N PRO B 257 1.14 14.19 -13.51
CA PRO B 257 0.33 15.33 -13.93
C PRO B 257 0.74 15.81 -15.32
N ASN B 258 -0.26 16.19 -16.10
CA ASN B 258 -0.02 16.66 -17.48
C ASN B 258 0.52 18.10 -17.43
N ILE B 259 1.43 18.35 -18.32
CA ILE B 259 1.98 19.71 -18.53
C ILE B 259 1.10 20.39 -19.59
N PRO B 260 0.39 21.48 -19.26
CA PRO B 260 -0.36 22.22 -20.27
C PRO B 260 0.59 22.67 -21.39
N ASN B 261 0.18 22.55 -22.66
CA ASN B 261 1.10 22.91 -23.77
C ASN B 261 1.40 24.42 -23.78
N ARG B 262 0.53 25.26 -23.22
CA ARG B 262 0.83 26.72 -23.23
C ARG B 262 2.09 27.00 -22.41
N TRP B 263 2.48 26.12 -21.45
CA TRP B 263 3.70 26.35 -20.69
C TRP B 263 4.93 26.46 -21.58
N PHE B 264 4.96 25.71 -22.65
CA PHE B 264 6.18 25.61 -23.51
C PHE B 264 6.39 26.91 -24.30
N SER B 265 5.43 27.83 -24.32
CA SER B 265 5.68 29.18 -24.91
C SER B 265 6.37 30.12 -23.94
N ASP B 266 6.46 29.81 -22.64
CA ASP B 266 6.98 30.69 -21.59
C ASP B 266 8.26 30.08 -21.00
N PRO B 267 9.39 30.80 -20.95
CA PRO B 267 10.64 30.19 -20.52
C PRO B 267 10.60 29.73 -19.07
N THR B 268 9.93 30.47 -18.22
CA THR B 268 9.82 30.16 -16.79
C THR B 268 9.05 28.84 -16.62
N LEU B 269 7.89 28.75 -17.22
CA LEU B 269 7.06 27.54 -17.08
C LEU B 269 7.73 26.37 -17.79
N THR B 270 8.49 26.60 -18.83
CA THR B 270 9.25 25.50 -19.50
C THR B 270 10.28 24.98 -18.48
N SER B 271 11.02 25.88 -17.83
CA SER B 271 11.99 25.49 -16.77
C SER B 271 11.30 24.74 -15.63
N LEU B 272 10.16 25.24 -15.18
CA LEU B 272 9.46 24.57 -14.05
C LEU B 272 8.96 23.19 -14.48
N ALA B 273 8.46 23.02 -15.71
CA ALA B 273 8.00 21.69 -16.19
C ALA B 273 9.17 20.71 -16.13
N LYS B 274 10.35 21.13 -16.55
CA LYS B 274 11.55 20.27 -16.52
C LYS B 274 11.87 19.90 -15.08
N LEU B 275 11.77 20.85 -14.14
CA LEU B 275 12.11 20.62 -12.73
C LEU B 275 11.10 19.64 -12.16
N MET B 276 9.81 19.82 -12.40
CA MET B 276 8.84 18.94 -11.74
C MET B 276 8.97 17.50 -12.31
N LYS B 277 9.32 17.33 -13.59
CA LYS B 277 9.53 15.98 -14.13
C LYS B 277 10.70 15.30 -13.43
N GLU B 278 11.71 16.05 -13.02
CA GLU B 278 12.89 15.49 -12.33
C GLU B 278 12.57 15.18 -10.85
N CYS B 279 11.37 15.51 -10.38
CA CYS B 279 10.87 15.13 -9.04
C CYS B 279 10.04 13.85 -9.12
N TRP B 280 9.66 13.41 -10.31
CA TRP B 280 8.61 12.40 -10.51
C TRP B 280 9.12 11.06 -11.05
N TYR B 281 10.43 10.85 -11.11
CA TYR B 281 10.93 9.52 -11.55
C TYR B 281 10.38 8.43 -10.63
N GLN B 282 9.98 7.24 -11.13
CA GLN B 282 9.55 6.13 -10.22
C GLN B 282 10.79 5.74 -9.40
N ASN B 283 11.98 5.79 -9.99
CA ASN B 283 13.24 5.45 -9.28
C ASN B 283 13.58 6.58 -8.32
N PRO B 284 13.41 6.39 -7.00
CA PRO B 284 13.58 7.49 -6.04
C PRO B 284 14.98 8.11 -6.12
N SER B 285 16.04 7.32 -6.39
CA SER B 285 17.42 7.85 -6.38
C SER B 285 17.68 8.74 -7.60
N ALA B 286 16.85 8.70 -8.65
CA ALA B 286 16.97 9.55 -9.84
C ALA B 286 16.45 10.97 -9.56
N ARG B 287 15.63 11.14 -8.54
CA ARG B 287 14.99 12.45 -8.30
C ARG B 287 16.05 13.48 -7.88
N LEU B 288 15.81 14.76 -8.16
CA LEU B 288 16.68 15.88 -7.70
C LEU B 288 16.67 15.97 -6.17
N THR B 289 17.71 16.53 -5.58
CA THR B 289 17.76 16.89 -4.15
C THR B 289 17.04 18.23 -3.94
N ALA B 290 16.63 18.52 -2.71
CA ALA B 290 16.05 19.83 -2.37
C ALA B 290 17.05 20.95 -2.66
N LEU B 291 18.31 20.71 -2.32
CA LEU B 291 19.35 21.74 -2.56
C LEU B 291 19.45 22.03 -4.06
N ARG B 292 19.41 21.02 -4.90
CA ARG B 292 19.56 21.19 -6.36
C ARG B 292 18.32 21.96 -6.87
N ILE B 293 17.15 21.66 -6.31
CA ILE B 293 15.93 22.39 -6.73
C ILE B 293 16.09 23.86 -6.36
N LYS B 294 16.57 24.11 -5.15
CA LYS B 294 16.74 25.50 -4.68
C LYS B 294 17.74 26.23 -5.58
N LYS B 295 18.84 25.55 -5.94
CA LYS B 295 19.90 26.18 -6.80
C LYS B 295 19.29 26.47 -8.16
N THR B 296 18.53 25.52 -8.70
CA THR B 296 17.89 25.67 -10.02
C THR B 296 16.90 26.86 -10.01
N LEU B 297 16.03 26.94 -9.01
CA LEU B 297 15.02 28.02 -8.92
C LEU B 297 15.68 29.37 -8.72
N THR B 298 16.81 29.41 -8.03
CA THR B 298 17.54 30.66 -7.79
C THR B 298 18.04 31.19 -9.13
N LYS B 299 18.36 30.31 -10.07
CA LYS B 299 18.94 30.67 -11.40
C LYS B 299 17.84 31.02 -12.41
N ILE B 300 16.61 30.53 -12.24
CA ILE B 300 15.46 30.73 -13.18
C ILE B 300 14.96 32.18 -13.02
N ASP B 301 14.57 32.81 -14.13
CA ASP B 301 13.95 34.16 -14.22
C ASP B 301 12.59 34.02 -14.92
C10 LU8 C . -17.00 -23.17 -5.62
C13 LU8 C . -16.33 -25.97 -8.27
C15 LU8 C . -17.66 -26.80 -10.14
C17 LU8 C . -19.48 -27.71 -11.71
C20 LU8 C . -17.29 -26.76 -12.62
C21 LU8 C . -17.43 -25.92 -11.36
C22 LU8 C . -18.49 -24.96 -8.64
C24 LU8 C . -16.44 -23.48 -4.40
C26 LU8 C . -14.38 -23.03 -2.03
C01 LU8 C . -17.85 -22.12 1.51
C03 LU8 C . -15.78 -22.64 0.33
C04 LU8 C . -16.40 -22.43 -0.92
C05 LU8 C . -15.72 -22.65 -2.09
C06 LU8 C . -16.39 -22.45 -3.43
C07 LU8 C . -16.92 -21.23 -3.69
C09 LU8 C . -17.58 -21.92 -5.79
C11 LU8 C . -17.12 -24.19 -6.80
C12 LU8 C . -16.10 -25.09 -7.15
C14 LU8 C . -17.50 -25.87 -8.95
C16 LU8 C . -19.01 -27.47 -10.25
C19 LU8 C . -17.90 -29.06 -13.02
C23 LU8 C . -18.33 -24.11 -7.52
C25 LU8 C . -15.91 -24.83 -4.08
C27 LU8 C . -13.78 -23.23 -0.80
C29 LU8 C . -11.60 -23.80 -1.76
C30 LU8 C . -14.48 -23.05 0.38
C32 LU8 C . -13.45 -22.07 2.27
N08 LU8 C . -17.52 -20.92 -4.88
N18 LU8 C . -18.42 -27.71 -12.77
O02 LU8 C . -16.47 -22.48 1.54
O28 LU8 C . -12.45 -23.56 -0.61
O31 LU8 C . -13.87 -23.23 1.60
C1 EDO D . -13.87 -11.92 -3.45
O1 EDO D . -14.31 -10.85 -2.69
C2 EDO D . -14.80 -13.06 -3.76
O2 EDO D . -15.91 -13.36 -3.06
C1 EDO E . 11.95 -31.25 -11.78
O1 EDO E . 11.69 -31.99 -13.04
C2 EDO E . 10.81 -31.08 -10.79
O2 EDO E . 9.39 -31.22 -11.19
C1 EDO F . 19.01 -36.57 3.88
O1 EDO F . 20.37 -36.80 3.51
C2 EDO F . 18.24 -37.81 4.05
O2 EDO F . 17.69 -38.35 2.84
C1 EDO G . 1.62 -36.25 -9.00
O1 EDO G . 2.87 -36.06 -8.84
C2 EDO G . 1.41 -36.77 -10.32
O2 EDO G . 0.10 -36.62 -10.54
S DMS H . -22.59 -8.55 -2.02
O DMS H . -23.28 -7.75 -0.96
C1 DMS H . -22.86 -7.73 -3.56
C2 DMS H . -20.84 -8.24 -1.86
C10 LU8 I . -30.06 -10.49 9.44
C13 LU8 I . -28.33 -7.43 10.82
C15 LU8 I . -29.33 -5.74 12.60
C17 LU8 I . -28.78 -3.30 12.73
C20 LU8 I . -28.52 -4.58 14.73
C21 LU8 I . -28.33 -5.76 13.76
C22 LU8 I . -30.48 -7.70 11.77
C24 LU8 I . -29.21 -11.63 9.47
C26 LU8 I . -28.92 -14.62 10.14
C01 LU8 I . -27.31 -16.19 5.57
C03 LU8 I . -28.11 -16.10 7.88
C04 LU8 I . -28.60 -14.81 7.66
C05 LU8 I . -28.97 -14.07 8.80
C06 LU8 I . -29.64 -12.74 8.78
C07 LU8 I . -30.91 -12.79 8.20
C09 LU8 I . -31.27 -10.58 8.75
C11 LU8 I . -29.70 -9.28 10.10
C12 LU8 I . -28.52 -8.57 10.00
C14 LU8 I . -29.33 -6.97 11.71
C16 LU8 I . -29.12 -4.48 11.82
C19 LU8 I . -28.96 -2.16 14.78
C23 LU8 I . -30.67 -8.82 11.00
C25 LU8 I . -27.83 -11.56 10.09
C27 LU8 I . -28.42 -15.91 10.31
C29 LU8 I . -28.55 -15.76 12.74
C30 LU8 I . -28.01 -16.63 9.18
C32 LU8 I . -26.13 -18.24 9.25
N08 LU8 I . -31.70 -11.71 8.18
N18 LU8 I . -29.24 -3.44 14.10
O02 LU8 I . -27.67 -16.89 6.81
O28 LU8 I . -28.29 -16.51 11.55
O31 LU8 I . -27.53 -17.92 9.38
C10 LU8 J . -28.71 -6.28 7.34
C13 LU8 J . -28.32 -2.78 8.70
C15 LU8 J . -26.41 -1.68 10.00
C17 LU8 J . -25.93 0.83 9.88
C20 LU8 J . -25.72 -0.43 11.98
C21 LU8 J . -26.68 -1.52 11.47
C22 LU8 J . -26.37 -4.03 9.30
C24 LU8 J . -28.04 -7.12 6.43
C26 LU8 J . -26.90 -10.02 5.44
C01 LU8 J . -28.29 -8.92 0.79
C03 LU8 J . -27.24 -9.83 2.73
C04 LU8 J . -28.02 -9.05 3.58
C05 LU8 J . -27.84 -9.10 4.95
C06 LU8 J . -28.62 -8.24 5.88
C07 LU8 J . -29.93 -8.52 6.18
C09 LU8 J . -30.04 -6.64 7.52
C11 LU8 J . -28.15 -5.09 7.98
C12 LU8 J . -28.85 -3.86 8.08
C14 LU8 J . -27.11 -2.83 9.38
C16 LU8 J . -26.67 -0.36 9.27
C19 LU8 J . -27.32 1.38 11.83
C23 LU8 J . -26.92 -5.14 8.69
C25 LU8 J . -26.64 -6.74 6.06
C27 LU8 J . -26.18 -10.83 4.60
C29 LU8 J . -25.06 -12.01 6.42
C30 LU8 J . -26.30 -10.72 3.24
C32 LU8 J . -25.95 -12.73 2.07
N08 LU8 J . -30.61 -7.70 7.00
N18 LU8 J . -26.00 0.88 11.36
O02 LU8 J . -27.34 -9.84 1.38
O28 LU8 J . -25.22 -11.70 5.04
O31 LU8 J . -25.53 -11.44 2.37
N01 XK7 K . 2.54 -28.09 13.70
C02 XK7 K . 2.34 -27.53 12.39
O03 XK7 K . 1.69 -26.51 12.30
C04 XK7 K . 2.96 -28.26 11.17
N05 XK7 K . 2.95 -29.72 11.18
C06 XK7 K . 3.08 -27.62 9.76
C07 XK7 K . 4.26 -27.59 10.72
S SO4 L . -18.41 -14.07 -9.79
O1 SO4 L . -18.23 -13.33 -8.55
O2 SO4 L . -17.88 -13.27 -10.86
O3 SO4 L . -17.71 -15.32 -9.69
O4 SO4 L . -19.83 -14.32 -9.98
S SO4 M . 11.55 -28.46 -22.71
O1 SO4 M . 12.43 -27.34 -22.70
O2 SO4 M . 10.35 -28.10 -23.41
O3 SO4 M . 11.26 -28.80 -21.33
O4 SO4 M . 12.14 -29.62 -23.33
S SO4 N . -1.85 -34.66 -4.48
O1 SO4 N . -1.03 -33.49 -4.15
O2 SO4 N . -1.24 -35.45 -5.49
O3 SO4 N . -3.15 -34.21 -4.93
O4 SO4 N . -2.04 -35.46 -3.27
C1 EDO O . -9.21 -5.48 5.96
O1 EDO O . -9.73 -6.33 4.95
C2 EDO O . -9.53 -5.72 7.39
O2 EDO O . -10.72 -5.08 7.90
C1 EDO P . -33.07 -6.54 17.10
O1 EDO P . -34.20 -5.89 16.49
C2 EDO P . -31.82 -6.41 16.33
O2 EDO P . -32.10 -6.08 14.99
C1 EDO Q . 9.97 -20.54 -30.58
O1 EDO Q . 10.63 -19.33 -30.83
C2 EDO Q . 9.19 -20.64 -29.30
O2 EDO Q . 8.37 -21.72 -29.29
C1 EDO R . -9.79 -33.39 -0.34
O1 EDO R . -9.87 -34.56 -1.14
C2 EDO R . -8.97 -33.60 0.85
O2 EDO R . -9.20 -32.57 1.81
C1 EDO S . 4.66 -33.60 -20.02
O1 EDO S . 5.87 -33.82 -19.33
C2 EDO S . 3.93 -32.33 -19.65
O2 EDO S . 4.65 -31.10 -19.83
C10 LU8 T . -3.76 29.39 9.32
C13 LU8 T . -6.80 31.12 7.97
C15 LU8 T . -8.37 30.74 6.14
C17 LU8 T . -9.65 30.11 3.97
C20 LU8 T . -10.91 30.25 6.06
C21 LU8 T . -9.62 30.30 6.88
C22 LU8 T . -6.40 29.16 6.66
C24 LU8 T . -3.44 28.06 9.78
C26 LU8 T . -1.58 25.56 10.05
C01 LU8 T . -0.98 25.83 15.07
C03 LU8 T . -1.03 25.14 12.73
C04 LU8 T . -1.46 26.37 12.32
C05 LU8 T . -1.77 26.60 10.99
C06 LU8 T . -2.23 27.95 10.52
C07 LU8 T . -1.43 29.05 10.78
C09 LU8 T . -2.89 30.42 9.62
C11 LU8 T . -4.97 29.71 8.50
C12 LU8 T . -5.68 30.82 8.78
C14 LU8 T . -7.15 30.31 6.95
C16 LU8 T . -8.31 30.17 4.72
C19 LU8 T . -12.01 30.47 3.96
C23 LU8 T . -5.32 28.89 7.43
C25 LU8 T . -4.38 26.89 9.51
C27 LU8 T . -1.11 24.32 10.49
C29 LU8 T . -1.23 23.42 8.26
C30 LU8 T . -0.85 24.10 11.82
C32 LU8 T . 0.90 22.61 12.46
N08 LU8 T . -1.78 30.29 10.32
N18 LU8 T . -10.75 30.77 4.71
O02 LU8 T . -0.74 24.82 14.06
O28 LU8 T . -0.90 23.23 9.66
O31 LU8 T . -0.48 22.84 12.24
S SO4 U . 2.67 37.19 8.00
O1 SO4 U . 1.80 38.03 8.73
O2 SO4 U . 3.35 38.02 6.99
O3 SO4 U . 3.69 36.62 8.85
O4 SO4 U . 1.89 36.16 7.36
C1 EDO V . -2.43 12.40 -15.98
O1 EDO V . -3.66 12.59 -16.81
C2 EDO V . -2.55 12.44 -14.48
O2 EDO V . -3.16 13.52 -13.79
S DMS W . 26.69 23.99 -8.63
O DMS W . 25.25 24.33 -8.42
C1 DMS W . 27.18 22.94 -7.29
C2 DMS W . 26.74 22.78 -9.94
N01 XK7 X . 1.24 8.97 -18.85
C02 XK7 X . 1.24 10.30 -18.21
O03 XK7 X . 1.71 10.50 -17.18
C04 XK7 X . 0.68 11.56 -18.84
N05 XK7 X . 1.03 12.81 -18.15
C06 XK7 X . -0.76 11.36 -19.33
C07 XK7 X . 0.35 11.63 -20.34
S SO4 Y . -9.01 16.41 7.21
O1 SO4 Y . -7.94 16.18 8.16
O2 SO4 Y . -9.12 17.82 6.93
O3 SO4 Y . -10.25 15.93 7.75
O4 SO4 Y . -8.69 15.68 6.01
S SO4 Z . -5.87 11.76 3.37
O1 SO4 Z . -6.32 13.07 2.97
O2 SO4 Z . -4.91 11.84 4.45
O3 SO4 Z . -5.28 11.15 2.26
O4 SO4 Z . -7.03 10.99 3.79
C1 EDO AA . 8.02 31.68 9.48
O1 EDO AA . 9.15 31.47 10.28
C2 EDO AA . 6.62 31.31 9.91
O2 EDO AA . 6.07 31.56 11.16
C1 EDO BA . 11.61 5.66 -13.57
O1 EDO BA . 12.71 6.22 -12.85
C2 EDO BA . 11.15 6.52 -14.71
O2 EDO BA . 10.18 7.48 -14.34
C1 EDO CA . -5.22 36.97 -16.84
O1 EDO CA . -4.42 37.28 -17.98
C2 EDO CA . -5.64 35.55 -16.79
O2 EDO CA . -5.90 34.98 -18.08
#